data_7ZGH
#
_entry.id   7ZGH
#
_cell.length_a   67.840
_cell.length_b   86.420
_cell.length_c   70.110
_cell.angle_alpha   90.000
_cell.angle_beta   98.290
_cell.angle_gamma   90.000
#
_symmetry.space_group_name_H-M   'P 1 21 1'
#
loop_
_entity.id
_entity.type
_entity.pdbx_description
1 polymer 'Multiple inositol-polyphosphate phosphatase'
2 non-polymer D-MYO-INOSITOL-HEXASULPHATE
3 non-polymer GLYCEROL
4 water water
#
_entity_poly.entity_id   1
_entity_poly.type   'polypeptide(L)'
_entity_poly.pdbx_seq_one_letter_code
;GPMETAQYSTSKTPYSPQQDIRTYQPPPPGFTAVFTELVSRHGSRTPTKIDGADLLLQLWAKARDESELTSAGQDFGPTM
ESYRAAIQKVGLGQETGRGRQELQGMADRMQRRLPELFEKIKKDATPIAVVLSQQTGRIADTAKFFTARLGATDPALAPL
IQQPVVDQDLLYFHKTERGKAYRDYLENDQRYQETVKRIKNRDGTREAATDILKTIFTPAFVERMEPSAVTKAAQALYDL
DAIAPDLSVEGNWHLDRFVPRHAAAWFASIDDAKSFYKKGPGFEGSDITFAMASILLDDFFKQAEAARAGKLGADLRFTH
AEEIIPLAALMQLPGSEKQADPDEDYTYANNPWRGASVSPMAANLQWDIYRNGTTYLVRMLYQEKEIPFKPDCTPFTPGS
HYYRLDELSRCFGRTAR
;
_entity_poly.pdbx_strand_id   A,B
#
# COMPACT_ATOMS: atom_id res chain seq x y z
N THR A 5 -11.37 -2.76 3.17
CA THR A 5 -12.83 -2.93 3.20
C THR A 5 -13.27 -4.30 2.67
N ALA A 6 -12.32 -5.02 2.06
CA ALA A 6 -12.59 -6.31 1.44
C ALA A 6 -11.30 -6.74 0.75
N GLN A 7 -11.04 -8.05 0.70
N GLN A 7 -11.01 -8.05 0.73
CA GLN A 7 -9.74 -8.53 0.27
CA GLN A 7 -9.71 -8.50 0.26
C GLN A 7 -9.68 -8.89 -1.21
C GLN A 7 -9.70 -8.84 -1.24
N TYR A 8 -10.75 -9.47 -1.74
CA TYR A 8 -10.75 -10.04 -3.08
C TYR A 8 -11.91 -9.51 -3.92
N SER A 9 -12.27 -8.24 -3.74
CA SER A 9 -13.47 -7.69 -4.37
C SER A 9 -13.17 -6.87 -5.62
N THR A 10 -11.89 -6.73 -6.00
CA THR A 10 -11.51 -5.95 -7.18
C THR A 10 -12.30 -4.65 -7.31
N SER A 11 -12.98 -4.45 -8.46
N SER A 11 -12.95 -4.41 -8.45
CA SER A 11 -13.72 -3.24 -8.76
CA SER A 11 -13.65 -3.13 -8.63
C SER A 11 -15.00 -3.09 -7.94
C SER A 11 -15.00 -3.07 -7.92
N LYS A 12 -15.34 -4.08 -7.13
CA LYS A 12 -16.48 -3.99 -6.22
C LYS A 12 -16.06 -3.63 -4.80
N THR A 13 -14.77 -3.38 -4.58
CA THR A 13 -14.29 -3.06 -3.24
C THR A 13 -14.92 -1.75 -2.75
N PRO A 14 -15.54 -1.73 -1.57
CA PRO A 14 -16.09 -0.47 -1.06
C PRO A 14 -15.00 0.57 -0.87
N TYR A 15 -15.40 1.83 -0.90
CA TYR A 15 -14.44 2.93 -0.82
C TYR A 15 -13.91 3.10 0.60
N SER A 16 -12.63 3.44 0.69
CA SER A 16 -12.11 4.03 1.90
C SER A 16 -11.05 5.04 1.51
N PRO A 17 -11.03 6.21 2.15
CA PRO A 17 -9.98 7.18 1.82
C PRO A 17 -8.62 6.60 2.18
N GLN A 18 -7.63 6.86 1.33
CA GLN A 18 -6.34 6.21 1.47
C GLN A 18 -5.31 7.06 2.19
N GLN A 19 -5.70 8.19 2.76
CA GLN A 19 -4.80 8.99 3.58
C GLN A 19 -5.64 9.81 4.53
N ASP A 20 -5.09 10.08 5.72
CA ASP A 20 -5.76 10.97 6.65
C ASP A 20 -5.45 12.41 6.25
N ILE A 21 -6.48 13.26 6.19
CA ILE A 21 -6.26 14.61 5.67
C ILE A 21 -5.33 15.42 6.56
N ARG A 22 -5.20 15.05 7.84
CA ARG A 22 -4.27 15.77 8.71
C ARG A 22 -2.82 15.58 8.29
N THR A 23 -2.53 14.61 7.44
CA THR A 23 -1.15 14.32 7.03
C THR A 23 -0.84 14.77 5.61
N TYR A 24 -1.76 15.46 4.93
CA TYR A 24 -1.41 16.05 3.65
C TYR A 24 -0.32 17.11 3.86
N GLN A 25 0.49 17.33 2.84
CA GLN A 25 1.43 18.44 2.95
C GLN A 25 0.67 19.75 3.03
N PRO A 26 1.08 20.67 3.89
CA PRO A 26 0.37 21.94 4.00
C PRO A 26 0.62 22.80 2.76
N PRO A 27 -0.29 23.70 2.43
CA PRO A 27 -0.06 24.59 1.30
C PRO A 27 1.19 25.41 1.54
N PRO A 28 1.99 25.66 0.51
CA PRO A 28 3.18 26.47 0.70
C PRO A 28 2.81 27.83 1.27
N PRO A 29 3.71 28.46 1.99
CA PRO A 29 3.37 29.73 2.63
C PRO A 29 2.83 30.75 1.64
N GLY A 30 1.73 31.41 2.03
CA GLY A 30 1.10 32.43 1.22
C GLY A 30 0.03 31.93 0.28
N PHE A 31 -0.11 30.62 0.09
CA PHE A 31 -1.04 30.07 -0.87
C PHE A 31 -2.37 29.72 -0.21
N THR A 32 -3.46 30.06 -0.90
CA THR A 32 -4.81 29.82 -0.40
C THR A 32 -5.62 29.13 -1.48
N ALA A 33 -6.52 28.24 -1.07
CA ALA A 33 -7.31 27.47 -2.02
C ALA A 33 -8.36 28.36 -2.68
N VAL A 34 -8.40 28.33 -4.02
CA VAL A 34 -9.34 29.16 -4.78
C VAL A 34 -10.27 28.35 -5.66
N PHE A 35 -10.04 27.05 -5.85
CA PHE A 35 -10.91 26.25 -6.69
C PHE A 35 -10.60 24.80 -6.41
N THR A 36 -11.61 23.94 -6.57
CA THR A 36 -11.38 22.50 -6.49
C THR A 36 -12.21 21.81 -7.54
N GLU A 37 -11.77 20.63 -7.95
CA GLU A 37 -12.50 19.90 -8.96
C GLU A 37 -12.34 18.42 -8.72
N LEU A 38 -13.39 17.66 -9.06
CA LEU A 38 -13.47 16.27 -8.70
CA LEU A 38 -13.51 16.26 -8.69
C LEU A 38 -14.08 15.48 -9.85
N VAL A 39 -13.63 14.25 -10.03
CA VAL A 39 -14.37 13.26 -10.79
C VAL A 39 -14.46 12.00 -9.94
N SER A 40 -15.68 11.50 -9.75
CA SER A 40 -15.89 10.36 -8.87
C SER A 40 -16.80 9.35 -9.54
N ARG A 41 -16.45 8.08 -9.39
CA ARG A 41 -17.38 7.00 -9.66
C ARG A 41 -18.53 7.05 -8.65
N HIS A 42 -19.64 6.45 -9.03
CA HIS A 42 -20.71 6.24 -8.07
C HIS A 42 -20.18 5.45 -6.87
N GLY A 43 -20.91 5.56 -5.75
CA GLY A 43 -20.61 4.80 -4.57
C GLY A 43 -21.00 3.32 -4.69
N SER A 44 -20.70 2.59 -3.62
CA SER A 44 -21.11 1.18 -3.48
C SER A 44 -22.55 0.96 -3.95
N ARG A 45 -22.78 -0.19 -4.59
CA ARG A 45 -24.05 -0.45 -5.25
C ARG A 45 -24.37 -1.94 -5.16
N THR A 46 -25.62 -2.27 -5.49
CA THR A 46 -26.01 -3.67 -5.65
C THR A 46 -25.48 -4.20 -6.98
N PRO A 47 -25.47 -5.52 -7.15
CA PRO A 47 -25.09 -6.09 -8.45
C PRO A 47 -26.03 -5.63 -9.55
N THR A 48 -25.54 -5.68 -10.79
CA THR A 48 -26.34 -5.23 -11.91
C THR A 48 -27.29 -6.30 -12.41
N LYS A 49 -27.03 -7.56 -12.10
CA LYS A 49 -27.80 -8.68 -12.60
C LYS A 49 -28.05 -9.66 -11.46
N ILE A 50 -29.21 -10.30 -11.50
CA ILE A 50 -29.61 -11.23 -10.45
C ILE A 50 -29.60 -12.69 -10.92
N ASP A 51 -29.31 -12.94 -12.20
CA ASP A 51 -29.43 -14.30 -12.71
C ASP A 51 -28.45 -15.26 -12.03
N GLY A 52 -27.31 -14.76 -11.56
CA GLY A 52 -26.38 -15.64 -10.87
C GLY A 52 -26.93 -16.12 -9.54
N ALA A 53 -27.58 -15.21 -8.80
CA ALA A 53 -28.26 -15.61 -7.58
C ALA A 53 -29.32 -16.67 -7.87
N ASP A 54 -30.06 -16.50 -8.96
CA ASP A 54 -31.10 -17.46 -9.29
C ASP A 54 -30.54 -18.80 -9.72
N LEU A 55 -29.45 -18.80 -10.52
CA LEU A 55 -28.80 -20.05 -10.85
C LEU A 55 -28.42 -20.82 -9.59
N LEU A 56 -27.82 -20.13 -8.62
CA LEU A 56 -27.41 -20.78 -7.37
C LEU A 56 -28.61 -21.27 -6.57
N LEU A 57 -29.66 -20.45 -6.48
CA LEU A 57 -30.87 -20.88 -5.76
C LEU A 57 -31.52 -22.09 -6.42
N GLN A 58 -31.47 -22.18 -7.75
CA GLN A 58 -32.07 -23.34 -8.42
C GLN A 58 -31.25 -24.60 -8.16
N LEU A 59 -29.92 -24.49 -8.22
CA LEU A 59 -29.08 -25.64 -7.89
C LEU A 59 -29.27 -26.03 -6.44
N TRP A 60 -29.38 -25.04 -5.55
CA TRP A 60 -29.56 -25.35 -4.14
C TRP A 60 -30.86 -26.11 -3.91
N ALA A 61 -31.95 -25.68 -4.54
CA ALA A 61 -33.23 -26.35 -4.33
C ALA A 61 -33.17 -27.79 -4.82
N LYS A 62 -32.45 -28.02 -5.92
CA LYS A 62 -32.30 -29.38 -6.45
C LYS A 62 -31.49 -30.24 -5.50
N ALA A 63 -30.37 -29.71 -5.00
CA ALA A 63 -29.56 -30.46 -4.03
C ALA A 63 -30.34 -30.71 -2.75
N ARG A 64 -31.12 -29.72 -2.31
CA ARG A 64 -31.96 -29.92 -1.13
C ARG A 64 -32.89 -31.10 -1.34
N ASP A 65 -33.58 -31.12 -2.48
CA ASP A 65 -34.52 -32.19 -2.77
C ASP A 65 -33.83 -33.55 -2.82
N GLU A 66 -32.56 -33.58 -3.22
CA GLU A 66 -31.81 -34.81 -3.37
C GLU A 66 -31.02 -35.19 -2.12
N SER A 67 -31.16 -34.42 -1.04
CA SER A 67 -30.40 -34.64 0.19
C SER A 67 -28.90 -34.61 -0.09
N GLU A 68 -28.46 -33.65 -0.90
CA GLU A 68 -27.07 -33.51 -1.29
C GLU A 68 -26.48 -32.16 -0.89
N LEU A 69 -26.90 -31.65 0.27
CA LEU A 69 -26.31 -30.44 0.84
C LEU A 69 -25.33 -30.82 1.95
N THR A 70 -24.28 -30.00 2.06
CA THR A 70 -23.40 -30.05 3.23
C THR A 70 -24.12 -29.43 4.42
N SER A 71 -23.52 -29.61 5.60
CA SER A 71 -24.07 -28.98 6.81
C SER A 71 -24.20 -27.47 6.62
N ALA A 72 -23.12 -26.82 6.19
CA ALA A 72 -23.17 -25.38 5.98
C ALA A 72 -24.14 -25.03 4.85
N GLY A 73 -24.22 -25.89 3.84
CA GLY A 73 -25.11 -25.65 2.71
C GLY A 73 -26.58 -25.63 3.08
N GLN A 74 -26.96 -26.23 4.21
CA GLN A 74 -28.35 -26.15 4.64
C GLN A 74 -28.81 -24.71 4.77
N ASP A 75 -27.92 -23.82 5.21
CA ASP A 75 -28.26 -22.41 5.38
C ASP A 75 -28.03 -21.59 4.12
N PHE A 76 -27.56 -22.18 3.02
CA PHE A 76 -27.29 -21.37 1.84
C PHE A 76 -28.57 -20.82 1.22
N GLY A 77 -29.60 -21.65 1.09
CA GLY A 77 -30.87 -21.22 0.56
C GLY A 77 -31.44 -20.02 1.30
N PRO A 78 -31.62 -20.15 2.61
CA PRO A 78 -32.16 -19.00 3.36
C PRO A 78 -31.27 -17.78 3.28
N THR A 79 -29.95 -17.97 3.23
CA THR A 79 -29.05 -16.82 3.16
C THR A 79 -29.19 -16.12 1.82
N MET A 80 -29.15 -16.90 0.73
CA MET A 80 -29.23 -16.33 -0.61
C MET A 80 -30.58 -15.73 -0.93
N GLU A 81 -31.66 -16.32 -0.42
N GLU A 81 -31.65 -16.33 -0.42
CA GLU A 81 -32.97 -15.71 -0.60
CA GLU A 81 -32.98 -15.74 -0.57
C GLU A 81 -33.05 -14.36 0.09
C GLU A 81 -33.05 -14.37 0.09
N SER A 82 -32.51 -14.27 1.32
CA SER A 82 -32.48 -13.01 2.04
C SER A 82 -31.66 -11.97 1.29
N TYR A 83 -30.47 -12.37 0.83
CA TYR A 83 -29.59 -11.46 0.10
C TYR A 83 -30.25 -10.98 -1.19
N ARG A 84 -30.84 -11.91 -1.96
CA ARG A 84 -31.57 -11.53 -3.17
C ARG A 84 -32.66 -10.52 -2.88
N ALA A 85 -33.44 -10.75 -1.81
CA ALA A 85 -34.54 -9.84 -1.51
C ALA A 85 -34.01 -8.45 -1.12
N ALA A 86 -32.89 -8.39 -0.38
CA ALA A 86 -32.32 -7.10 -0.02
C ALA A 86 -31.81 -6.37 -1.26
N ILE A 87 -31.21 -7.11 -2.20
CA ILE A 87 -30.76 -6.53 -3.45
C ILE A 87 -31.95 -5.95 -4.22
N GLN A 88 -33.05 -6.70 -4.29
CA GLN A 88 -34.20 -6.25 -5.05
C GLN A 88 -34.89 -5.07 -4.38
N LYS A 89 -34.82 -4.99 -3.04
CA LYS A 89 -35.42 -3.86 -2.35
C LYS A 89 -34.69 -2.55 -2.70
N VAL A 90 -33.36 -2.62 -2.76
CA VAL A 90 -32.58 -1.45 -3.20
C VAL A 90 -32.79 -1.22 -4.68
N GLY A 91 -32.85 -2.30 -5.46
CA GLY A 91 -32.92 -2.22 -6.91
C GLY A 91 -31.56 -2.61 -7.49
N LEU A 92 -31.59 -3.39 -8.57
CA LEU A 92 -30.34 -3.78 -9.23
C LEU A 92 -29.60 -2.56 -9.75
N GLY A 93 -28.28 -2.55 -9.55
CA GLY A 93 -27.45 -1.48 -10.07
C GLY A 93 -27.65 -0.14 -9.40
N GLN A 94 -28.19 -0.13 -8.19
CA GLN A 94 -28.52 1.10 -7.47
C GLN A 94 -27.62 1.28 -6.26
N GLU A 95 -27.49 2.55 -5.84
CA GLU A 95 -26.67 2.89 -4.68
C GLU A 95 -27.22 2.23 -3.41
N THR A 96 -26.30 1.76 -2.58
CA THR A 96 -26.65 1.22 -1.27
C THR A 96 -26.47 2.29 -0.20
N GLY A 97 -26.85 1.94 1.03
CA GLY A 97 -26.62 2.85 2.14
C GLY A 97 -25.13 3.14 2.35
N ARG A 98 -24.28 2.14 2.11
CA ARG A 98 -22.85 2.38 2.21
C ARG A 98 -22.37 3.36 1.14
N GLY A 99 -22.93 3.27 -0.07
CA GLY A 99 -22.56 4.23 -1.10
C GLY A 99 -22.87 5.65 -0.69
N ARG A 100 -24.02 5.85 -0.05
CA ARG A 100 -24.36 7.18 0.44
C ARG A 100 -23.36 7.62 1.48
N GLN A 101 -23.01 6.73 2.41
CA GLN A 101 -22.02 7.10 3.44
C GLN A 101 -20.67 7.44 2.81
N GLU A 102 -20.27 6.73 1.76
CA GLU A 102 -18.99 6.99 1.12
C GLU A 102 -18.93 8.42 0.60
N LEU A 103 -19.97 8.83 -0.13
CA LEU A 103 -19.98 10.16 -0.72
C LEU A 103 -20.13 11.24 0.33
N GLN A 104 -20.86 10.96 1.40
CA GLN A 104 -20.96 11.93 2.49
C GLN A 104 -19.58 12.17 3.10
N GLY A 105 -18.81 11.11 3.31
CA GLY A 105 -17.47 11.27 3.87
C GLY A 105 -16.55 12.07 2.96
N MET A 106 -16.65 11.82 1.65
CA MET A 106 -15.90 12.61 0.68
C MET A 106 -16.26 14.09 0.74
N ALA A 107 -17.55 14.41 0.85
CA ALA A 107 -17.93 15.82 0.93
C ALA A 107 -17.44 16.43 2.23
N ASP A 108 -17.51 15.67 3.33
CA ASP A 108 -17.03 16.19 4.61
C ASP A 108 -15.55 16.55 4.54
N ARG A 109 -14.75 15.66 3.96
CA ARG A 109 -13.32 15.87 3.94
C ARG A 109 -12.93 16.97 2.97
N MET A 110 -13.64 17.11 1.84
CA MET A 110 -13.44 18.26 0.96
C MET A 110 -13.59 19.56 1.74
N GLN A 111 -14.69 19.70 2.49
CA GLN A 111 -14.92 20.93 3.25
C GLN A 111 -13.87 21.13 4.34
N ARG A 112 -13.45 20.05 4.99
CA ARG A 112 -12.50 20.17 6.10
C ARG A 112 -11.10 20.50 5.60
N ARG A 113 -10.78 20.04 4.39
CA ARG A 113 -9.45 20.24 3.81
C ARG A 113 -9.30 21.62 3.15
N LEU A 114 -10.42 22.24 2.74
CA LEU A 114 -10.41 23.52 2.01
C LEU A 114 -11.33 24.54 2.66
N PRO A 115 -11.24 24.75 3.97
CA PRO A 115 -12.19 25.68 4.61
C PRO A 115 -12.14 27.07 4.01
N GLU A 116 -10.95 27.52 3.60
CA GLU A 116 -10.84 28.87 3.06
C GLU A 116 -11.49 28.98 1.69
N LEU A 117 -11.55 27.88 0.93
CA LEU A 117 -12.23 27.92 -0.35
C LEU A 117 -13.72 28.10 -0.15
N PHE A 118 -14.32 27.33 0.76
CA PHE A 118 -15.76 27.44 0.94
C PHE A 118 -16.15 28.77 1.56
N GLU A 119 -15.28 29.33 2.41
CA GLU A 119 -15.53 30.68 2.89
C GLU A 119 -15.54 31.68 1.73
N LYS A 120 -14.56 31.56 0.82
CA LYS A 120 -14.51 32.47 -0.32
C LYS A 120 -15.73 32.31 -1.22
N ILE A 121 -16.12 31.06 -1.50
CA ILE A 121 -17.31 30.79 -2.30
C ILE A 121 -18.53 31.51 -1.71
N LYS A 122 -18.67 31.48 -0.38
CA LYS A 122 -19.81 32.12 0.25
C LYS A 122 -19.72 33.63 0.24
N LYS A 123 -18.51 34.19 0.34
N LYS A 123 -18.51 34.19 0.35
CA LYS A 123 -18.38 35.64 0.28
CA LYS A 123 -18.37 35.64 0.28
C LYS A 123 -18.70 36.18 -1.11
C LYS A 123 -18.73 36.15 -1.11
N ASP A 124 -18.32 35.44 -2.15
CA ASP A 124 -18.49 35.88 -3.52
C ASP A 124 -19.72 35.31 -4.20
N ALA A 125 -20.49 34.47 -3.51
CA ALA A 125 -21.66 33.81 -4.10
C ALA A 125 -21.31 33.10 -5.40
N THR A 126 -20.24 32.34 -5.36
CA THR A 126 -19.73 31.66 -6.55
C THR A 126 -20.42 30.32 -6.75
N PRO A 127 -20.90 29.99 -7.94
CA PRO A 127 -21.61 28.72 -8.13
C PRO A 127 -20.68 27.51 -8.08
N ILE A 128 -21.29 26.36 -7.75
CA ILE A 128 -20.65 25.05 -7.74
C ILE A 128 -21.35 24.22 -8.82
N ALA A 129 -20.58 23.74 -9.79
CA ALA A 129 -21.15 23.00 -10.91
C ALA A 129 -21.18 21.51 -10.61
N VAL A 130 -22.20 20.85 -11.18
CA VAL A 130 -22.38 19.40 -11.06
C VAL A 130 -22.57 18.83 -12.46
N VAL A 131 -21.76 17.83 -12.82
CA VAL A 131 -21.78 17.25 -14.16
C VAL A 131 -21.88 15.73 -14.04
N LEU A 132 -22.76 15.13 -14.86
CA LEU A 132 -23.09 13.72 -14.75
C LEU A 132 -22.93 13.01 -16.08
N SER A 133 -22.65 11.71 -16.01
CA SER A 133 -22.67 10.88 -17.22
C SER A 133 -24.10 10.66 -17.73
N GLN A 134 -25.08 10.62 -16.82
CA GLN A 134 -26.47 10.30 -17.15
C GLN A 134 -27.38 11.09 -16.24
N GLN A 135 -28.60 11.31 -16.71
CA GLN A 135 -29.56 12.16 -16.03
C GLN A 135 -30.13 11.49 -14.78
N THR A 136 -30.21 10.17 -14.76
CA THR A 136 -30.86 9.43 -13.68
C THR A 136 -30.06 8.16 -13.39
N GLY A 137 -30.35 7.54 -12.25
CA GLY A 137 -29.72 6.29 -11.86
C GLY A 137 -28.66 6.48 -10.79
N ARG A 138 -27.77 5.48 -10.69
CA ARG A 138 -26.78 5.48 -9.61
C ARG A 138 -25.84 6.68 -9.69
N ILE A 139 -25.57 7.18 -10.89
CA ILE A 139 -24.69 8.34 -11.03
C ILE A 139 -25.37 9.60 -10.46
N ALA A 140 -26.64 9.80 -10.81
CA ALA A 140 -27.35 10.98 -10.31
C ALA A 140 -27.54 10.89 -8.80
N ASP A 141 -27.85 9.71 -8.28
CA ASP A 141 -28.01 9.56 -6.83
C ASP A 141 -26.70 9.81 -6.10
N THR A 142 -25.58 9.37 -6.68
CA THR A 142 -24.27 9.61 -6.07
C THR A 142 -24.02 11.10 -5.95
N ALA A 143 -24.27 11.85 -7.03
CA ALA A 143 -24.07 13.30 -6.99
C ALA A 143 -24.92 13.92 -5.90
N LYS A 144 -26.17 13.47 -5.77
CA LYS A 144 -27.05 14.06 -4.77
C LYS A 144 -26.58 13.76 -3.35
N PHE A 145 -26.06 12.55 -3.10
CA PHE A 145 -25.45 12.27 -1.79
C PHE A 145 -24.41 13.32 -1.45
N PHE A 146 -23.53 13.62 -2.41
CA PHE A 146 -22.43 14.55 -2.19
C PHE A 146 -22.94 15.98 -1.98
N THR A 147 -23.79 16.47 -2.89
CA THR A 147 -24.25 17.86 -2.80
C THR A 147 -25.22 18.06 -1.64
N ALA A 148 -26.03 17.06 -1.32
CA ALA A 148 -26.89 17.19 -0.15
C ALA A 148 -26.06 17.30 1.13
N ARG A 149 -24.95 16.57 1.18
CA ARG A 149 -24.10 16.65 2.36
C ARG A 149 -23.44 18.01 2.48
N LEU A 150 -22.94 18.56 1.37
CA LEU A 150 -22.38 19.91 1.42
C LEU A 150 -23.38 20.88 2.02
N GLY A 151 -24.64 20.82 1.57
CA GLY A 151 -25.65 21.71 2.06
C GLY A 151 -26.13 21.42 3.47
N ALA A 152 -25.99 20.17 3.91
CA ALA A 152 -26.37 19.83 5.28
C ALA A 152 -25.37 20.41 6.27
N THR A 153 -24.08 20.28 5.97
CA THR A 153 -23.05 20.74 6.89
C THR A 153 -22.82 22.24 6.78
N ASP A 154 -23.10 22.83 5.62
CA ASP A 154 -22.86 24.25 5.38
C ASP A 154 -24.04 24.78 4.58
N PRO A 155 -25.13 25.15 5.27
CA PRO A 155 -26.38 25.44 4.55
C PRO A 155 -26.28 26.57 3.53
N ALA A 156 -25.34 27.51 3.70
CA ALA A 156 -25.20 28.58 2.72
C ALA A 156 -24.76 28.07 1.34
N LEU A 157 -24.15 26.87 1.27
CA LEU A 157 -23.72 26.35 -0.02
C LEU A 157 -24.89 25.84 -0.86
N ALA A 158 -25.99 25.45 -0.23
CA ALA A 158 -27.07 24.79 -0.98
C ALA A 158 -27.57 25.62 -2.16
N PRO A 159 -27.85 26.92 -2.03
CA PRO A 159 -28.34 27.68 -3.20
C PRO A 159 -27.30 27.86 -4.27
N LEU A 160 -26.02 27.67 -3.95
CA LEU A 160 -24.95 27.89 -4.92
C LEU A 160 -24.68 26.66 -5.78
N ILE A 161 -25.19 25.50 -5.37
CA ILE A 161 -24.93 24.27 -6.11
C ILE A 161 -25.91 24.22 -7.28
N GLN A 162 -25.38 24.23 -8.50
CA GLN A 162 -26.21 24.28 -9.69
C GLN A 162 -26.90 22.95 -9.96
N GLN A 163 -28.03 23.05 -10.66
CA GLN A 163 -28.69 21.82 -11.11
C GLN A 163 -27.76 21.04 -12.01
N PRO A 164 -27.78 19.71 -11.95
CA PRO A 164 -26.80 18.93 -12.71
C PRO A 164 -26.99 19.09 -14.21
N VAL A 165 -25.87 19.03 -14.92
CA VAL A 165 -25.87 18.96 -16.37
C VAL A 165 -25.26 17.64 -16.79
N VAL A 166 -25.79 17.09 -17.88
CA VAL A 166 -25.33 15.80 -18.39
C VAL A 166 -24.35 16.07 -19.53
N ASP A 167 -23.22 15.36 -19.51
CA ASP A 167 -22.20 15.52 -20.55
C ASP A 167 -21.66 14.11 -20.85
N GLN A 168 -22.27 13.45 -21.83
CA GLN A 168 -21.92 12.05 -22.05
C GLN A 168 -20.56 11.88 -22.72
N ASP A 169 -20.13 12.84 -23.53
CA ASP A 169 -18.79 12.73 -24.11
C ASP A 169 -17.71 12.88 -23.04
N LEU A 170 -17.95 13.74 -22.06
CA LEU A 170 -16.97 13.98 -21.00
C LEU A 170 -16.92 12.82 -20.01
N LEU A 171 -18.08 12.24 -19.68
CA LEU A 171 -18.21 11.35 -18.54
C LEU A 171 -18.79 10.00 -18.90
N TYR A 172 -18.95 9.72 -20.18
CA TYR A 172 -19.54 8.45 -20.61
C TYR A 172 -18.93 8.04 -21.93
N PHE A 173 -17.65 8.39 -22.13
CA PHE A 173 -17.05 8.31 -23.45
C PHE A 173 -16.92 6.88 -23.97
N HIS A 174 -16.84 5.88 -23.08
CA HIS A 174 -16.77 4.51 -23.59
C HIS A 174 -18.04 4.12 -24.34
N LYS A 175 -19.13 4.87 -24.18
CA LYS A 175 -20.37 4.56 -24.88
C LYS A 175 -20.73 5.53 -26.00
N THR A 176 -19.94 6.59 -26.20
CA THR A 176 -20.27 7.56 -27.24
C THR A 176 -19.37 7.35 -28.44
N GLU A 177 -19.47 8.25 -29.42
CA GLU A 177 -18.58 8.17 -30.59
C GLU A 177 -17.12 8.20 -30.19
N ARG A 178 -16.78 8.82 -29.05
CA ARG A 178 -15.38 8.84 -28.61
C ARG A 178 -14.85 7.44 -28.40
N GLY A 179 -15.73 6.49 -28.09
CA GLY A 179 -15.31 5.14 -27.82
C GLY A 179 -15.41 4.19 -28.98
N LYS A 180 -15.64 4.68 -30.20
CA LYS A 180 -15.87 3.79 -31.33
C LYS A 180 -14.64 2.93 -31.62
N ALA A 181 -13.46 3.56 -31.71
CA ALA A 181 -12.25 2.78 -31.98
C ALA A 181 -11.97 1.79 -30.85
N TYR A 182 -12.18 2.22 -29.60
CA TYR A 182 -12.01 1.35 -28.44
C TYR A 182 -12.92 0.13 -28.54
N ARG A 183 -14.22 0.36 -28.82
CA ARG A 183 -15.14 -0.77 -28.89
C ARG A 183 -14.79 -1.70 -30.06
N ASP A 184 -14.38 -1.13 -31.18
CA ASP A 184 -13.96 -1.95 -32.31
C ASP A 184 -12.75 -2.81 -31.95
N TYR A 185 -11.83 -2.25 -31.18
CA TYR A 185 -10.68 -3.00 -30.70
C TYR A 185 -11.11 -4.21 -29.87
N LEU A 186 -11.97 -3.99 -28.87
CA LEU A 186 -12.40 -5.10 -28.01
C LEU A 186 -13.06 -6.20 -28.81
N GLU A 187 -13.80 -5.83 -29.86
CA GLU A 187 -14.59 -6.78 -30.61
C GLU A 187 -13.74 -7.55 -31.60
N ASN A 188 -12.68 -6.94 -32.14
CA ASN A 188 -12.03 -7.48 -33.32
C ASN A 188 -10.54 -7.72 -33.20
N ASP A 189 -9.86 -7.16 -32.20
CA ASP A 189 -8.41 -7.27 -32.15
C ASP A 189 -8.00 -8.69 -31.74
N GLN A 190 -7.20 -9.34 -32.59
CA GLN A 190 -6.89 -10.75 -32.35
C GLN A 190 -5.93 -10.94 -31.19
N ARG A 191 -4.92 -10.06 -31.04
CA ARG A 191 -4.03 -10.18 -29.90
C ARG A 191 -4.80 -10.05 -28.60
N TYR A 192 -5.71 -9.07 -28.52
CA TYR A 192 -6.57 -8.94 -27.35
C TYR A 192 -7.39 -10.20 -27.11
N GLN A 193 -8.06 -10.70 -28.15
CA GLN A 193 -8.91 -11.88 -27.97
C GLN A 193 -8.11 -13.08 -27.50
N GLU A 194 -6.93 -13.29 -28.06
CA GLU A 194 -6.11 -14.43 -27.67
C GLU A 194 -5.62 -14.30 -26.24
N THR A 195 -5.30 -13.08 -25.81
CA THR A 195 -4.88 -12.87 -24.43
C THR A 195 -6.02 -13.14 -23.46
N VAL A 196 -7.22 -12.65 -23.76
CA VAL A 196 -8.36 -12.93 -22.87
C VAL A 196 -8.62 -14.43 -22.82
N LYS A 197 -8.49 -15.12 -23.96
CA LYS A 197 -8.69 -16.57 -23.96
C LYS A 197 -7.68 -17.27 -23.08
N ARG A 198 -6.42 -16.84 -23.12
CA ARG A 198 -5.41 -17.44 -22.23
C ARG A 198 -5.78 -17.24 -20.78
N ILE A 199 -6.28 -16.04 -20.44
CA ILE A 199 -6.65 -15.78 -19.05
C ILE A 199 -7.80 -16.68 -18.62
N LYS A 200 -8.84 -16.76 -19.46
CA LYS A 200 -9.99 -17.60 -19.14
C LYS A 200 -9.60 -19.07 -19.02
N ASN A 201 -8.51 -19.48 -19.66
CA ASN A 201 -8.12 -20.88 -19.71
C ASN A 201 -6.99 -21.22 -18.74
N ARG A 202 -6.61 -20.28 -17.88
CA ARG A 202 -5.51 -20.56 -16.95
C ARG A 202 -5.83 -21.80 -16.12
N ASP A 203 -4.83 -22.64 -15.93
CA ASP A 203 -5.01 -23.83 -15.12
C ASP A 203 -5.22 -23.42 -13.67
N GLY A 204 -6.28 -23.95 -13.06
CA GLY A 204 -6.60 -23.64 -11.69
C GLY A 204 -8.05 -23.23 -11.51
N THR A 205 -8.69 -22.72 -12.57
CA THR A 205 -10.05 -22.21 -12.40
C THR A 205 -11.02 -23.34 -12.09
N ARG A 206 -10.89 -24.49 -12.76
CA ARG A 206 -11.79 -25.60 -12.47
C ARG A 206 -11.69 -26.02 -11.00
N GLU A 207 -10.47 -26.10 -10.48
CA GLU A 207 -10.28 -26.50 -9.09
C GLU A 207 -10.85 -25.46 -8.12
N ALA A 208 -10.60 -24.18 -8.39
CA ALA A 208 -11.18 -23.15 -7.53
C ALA A 208 -12.70 -23.20 -7.58
N ALA A 209 -13.27 -23.46 -8.75
CA ALA A 209 -14.72 -23.51 -8.91
C ALA A 209 -15.34 -24.68 -8.15
N THR A 210 -14.76 -25.87 -8.28
CA THR A 210 -15.32 -27.00 -7.54
C THR A 210 -15.13 -26.79 -6.04
N ASP A 211 -14.02 -26.18 -5.63
CA ASP A 211 -13.84 -25.88 -4.21
C ASP A 211 -14.96 -24.98 -3.70
N ILE A 212 -15.33 -23.96 -4.48
CA ILE A 212 -16.42 -23.08 -4.07
C ILE A 212 -17.72 -23.87 -3.91
N LEU A 213 -18.10 -24.63 -4.94
CA LEU A 213 -19.39 -25.32 -4.87
C LEU A 213 -19.44 -26.39 -3.79
N LYS A 214 -18.30 -27.01 -3.48
CA LYS A 214 -18.27 -28.04 -2.45
C LYS A 214 -18.46 -27.49 -1.03
N THR A 215 -18.49 -26.16 -0.84
CA THR A 215 -18.90 -25.67 0.48
C THR A 215 -20.39 -25.88 0.72
N ILE A 216 -21.19 -25.94 -0.35
CA ILE A 216 -22.65 -25.98 -0.27
C ILE A 216 -23.19 -27.37 -0.58
N PHE A 217 -22.59 -28.04 -1.56
CA PHE A 217 -23.13 -29.28 -2.13
C PHE A 217 -22.18 -30.43 -1.86
N THR A 218 -22.74 -31.64 -1.76
CA THR A 218 -21.88 -32.80 -1.60
C THR A 218 -20.98 -32.93 -2.83
N PRO A 219 -19.80 -33.53 -2.67
CA PRO A 219 -18.91 -33.67 -3.84
C PRO A 219 -19.58 -34.36 -5.01
N ALA A 220 -20.38 -35.40 -4.76
CA ALA A 220 -21.02 -36.08 -5.88
C ALA A 220 -21.97 -35.16 -6.65
N PHE A 221 -22.67 -34.27 -5.94
CA PHE A 221 -23.57 -33.35 -6.63
C PHE A 221 -22.78 -32.44 -7.56
N VAL A 222 -21.62 -31.97 -7.11
CA VAL A 222 -20.80 -31.09 -7.94
C VAL A 222 -20.25 -31.84 -9.14
N GLU A 223 -19.78 -33.08 -8.94
CA GLU A 223 -19.24 -33.84 -10.07
C GLU A 223 -20.32 -34.20 -11.07
N ARG A 224 -21.59 -34.23 -10.65
CA ARG A 224 -22.69 -34.52 -11.57
C ARG A 224 -23.09 -33.32 -12.42
N MET A 225 -22.62 -32.12 -12.08
CA MET A 225 -22.91 -30.96 -12.92
C MET A 225 -22.04 -30.97 -14.17
N GLU A 226 -22.57 -30.44 -15.27
CA GLU A 226 -21.71 -30.26 -16.42
C GLU A 226 -20.65 -29.22 -16.10
N PRO A 227 -19.39 -29.45 -16.51
CA PRO A 227 -18.32 -28.53 -16.09
C PRO A 227 -18.59 -27.07 -16.42
N SER A 228 -19.33 -26.78 -17.48
CA SER A 228 -19.65 -25.38 -17.76
C SER A 228 -20.57 -24.79 -16.70
N ALA A 229 -21.50 -25.60 -16.17
CA ALA A 229 -22.38 -25.13 -15.10
C ALA A 229 -21.59 -24.90 -13.83
N VAL A 230 -20.58 -25.74 -13.58
CA VAL A 230 -19.73 -25.57 -12.41
C VAL A 230 -19.02 -24.23 -12.46
N THR A 231 -18.40 -23.89 -13.59
CA THR A 231 -17.67 -22.63 -13.62
C THR A 231 -18.62 -21.43 -13.58
N LYS A 232 -19.80 -21.56 -14.21
CA LYS A 232 -20.75 -20.46 -14.21
C LYS A 232 -21.31 -20.22 -12.80
N ALA A 233 -21.65 -21.30 -12.09
CA ALA A 233 -22.19 -21.16 -10.75
C ALA A 233 -21.13 -20.67 -9.77
N ALA A 234 -19.90 -21.17 -9.89
CA ALA A 234 -18.84 -20.70 -9.02
C ALA A 234 -18.54 -19.22 -9.28
N GLN A 235 -18.49 -18.82 -10.55
CA GLN A 235 -18.30 -17.41 -10.86
C GLN A 235 -19.40 -16.55 -10.27
N ALA A 236 -20.65 -16.99 -10.41
CA ALA A 236 -21.77 -16.22 -9.86
C ALA A 236 -21.63 -16.07 -8.34
N LEU A 237 -21.24 -17.14 -7.64
CA LEU A 237 -21.14 -17.07 -6.19
C LEU A 237 -19.94 -16.19 -5.77
N TYR A 238 -18.80 -16.36 -6.45
CA TYR A 238 -17.69 -15.46 -6.19
C TYR A 238 -18.13 -14.01 -6.38
N ASP A 239 -18.82 -13.71 -7.48
CA ASP A 239 -19.25 -12.34 -7.74
C ASP A 239 -20.16 -11.82 -6.63
N LEU A 240 -21.11 -12.64 -6.19
CA LEU A 240 -22.04 -12.19 -5.15
C LEU A 240 -21.33 -11.98 -3.82
N ASP A 241 -20.36 -12.86 -3.51
CA ASP A 241 -19.53 -12.69 -2.33
C ASP A 241 -18.69 -11.43 -2.44
N ALA A 242 -18.13 -11.17 -3.62
CA ALA A 242 -17.26 -10.01 -3.80
C ALA A 242 -18.01 -8.69 -3.59
N ILE A 243 -19.29 -8.61 -3.97
CA ILE A 243 -20.03 -7.36 -3.85
C ILE A 243 -20.81 -7.25 -2.53
N ALA A 244 -20.90 -8.33 -1.75
CA ALA A 244 -21.66 -8.28 -0.51
C ALA A 244 -21.23 -7.15 0.41
N PRO A 245 -19.95 -6.79 0.53
CA PRO A 245 -19.58 -5.67 1.40
C PRO A 245 -20.22 -4.36 0.98
N ASP A 246 -20.56 -4.20 -0.31
CA ASP A 246 -21.27 -2.98 -0.72
C ASP A 246 -22.62 -2.85 -0.02
N LEU A 247 -23.22 -3.97 0.40
CA LEU A 247 -24.51 -3.98 1.07
C LEU A 247 -24.38 -4.02 2.59
N SER A 248 -23.28 -3.56 3.15
CA SER A 248 -23.07 -3.70 4.58
C SER A 248 -24.15 -3.01 5.41
N VAL A 249 -24.69 -1.89 4.93
CA VAL A 249 -25.73 -1.21 5.70
C VAL A 249 -27.01 -2.05 5.71
N GLU A 250 -27.25 -2.79 4.63
CA GLU A 250 -28.46 -3.60 4.52
C GLU A 250 -28.33 -4.95 5.23
N GLY A 251 -27.12 -5.45 5.43
CA GLY A 251 -26.99 -6.71 6.14
C GLY A 251 -25.58 -7.25 6.05
N ASN A 252 -25.36 -8.32 6.80
CA ASN A 252 -24.14 -9.11 6.72
C ASN A 252 -24.59 -10.56 6.59
N TRP A 253 -24.37 -11.13 5.42
CA TRP A 253 -24.84 -12.47 5.10
C TRP A 253 -23.74 -13.52 5.25
N HIS A 254 -22.52 -13.12 5.63
CA HIS A 254 -21.42 -14.05 5.81
C HIS A 254 -21.27 -14.99 4.61
N LEU A 255 -21.27 -14.40 3.42
CA LEU A 255 -21.12 -15.20 2.20
C LEU A 255 -19.73 -15.81 2.08
N ASP A 256 -18.75 -15.33 2.84
CA ASP A 256 -17.44 -15.96 2.79
C ASP A 256 -17.49 -17.42 3.24
N ARG A 257 -18.54 -17.81 3.97
CA ARG A 257 -18.69 -19.22 4.34
C ARG A 257 -18.65 -20.12 3.13
N PHE A 258 -19.06 -19.60 1.98
CA PHE A 258 -19.29 -20.39 0.78
C PHE A 258 -18.24 -20.17 -0.29
N VAL A 259 -17.23 -19.34 -0.03
CA VAL A 259 -16.19 -19.06 -1.01
C VAL A 259 -14.86 -19.16 -0.27
N PRO A 260 -14.13 -20.27 -0.38
CA PRO A 260 -12.85 -20.40 0.31
C PRO A 260 -11.94 -19.24 -0.09
N ARG A 261 -11.16 -18.76 0.87
CA ARG A 261 -10.37 -17.56 0.63
C ARG A 261 -9.40 -17.73 -0.54
N HIS A 262 -8.75 -18.89 -0.65
CA HIS A 262 -7.83 -19.06 -1.77
C HIS A 262 -8.58 -19.03 -3.11
N ALA A 263 -9.80 -19.55 -3.17
CA ALA A 263 -10.56 -19.51 -4.41
C ALA A 263 -10.99 -18.09 -4.74
N ALA A 264 -11.37 -17.30 -3.73
CA ALA A 264 -11.66 -15.90 -3.99
C ALA A 264 -10.43 -15.16 -4.51
N ALA A 265 -9.25 -15.45 -3.93
CA ALA A 265 -8.02 -14.82 -4.43
C ALA A 265 -7.78 -15.19 -5.89
N TRP A 266 -8.00 -16.46 -6.24
CA TRP A 266 -7.85 -16.87 -7.63
C TRP A 266 -8.79 -16.11 -8.55
N PHE A 267 -10.09 -16.10 -8.22
CA PHE A 267 -11.06 -15.43 -9.09
C PHE A 267 -10.81 -13.94 -9.16
N ALA A 268 -10.34 -13.32 -8.07
CA ALA A 268 -9.99 -11.90 -8.13
C ALA A 268 -8.85 -11.68 -9.11
N SER A 269 -7.85 -12.58 -9.10
CA SER A 269 -6.72 -12.38 -10.00
C SER A 269 -7.15 -12.50 -11.45
N ILE A 270 -8.12 -13.36 -11.75
CA ILE A 270 -8.62 -13.48 -13.11
C ILE A 270 -9.40 -12.23 -13.51
N ASP A 271 -10.27 -11.74 -12.62
CA ASP A 271 -11.02 -10.53 -12.92
C ASP A 271 -10.08 -9.35 -13.17
N ASP A 272 -9.04 -9.21 -12.35
CA ASP A 272 -8.09 -8.12 -12.54
C ASP A 272 -7.33 -8.25 -13.86
N ALA A 273 -6.91 -9.46 -14.23
CA ALA A 273 -6.21 -9.63 -15.50
C ALA A 273 -7.11 -9.26 -16.67
N LYS A 274 -8.36 -9.72 -16.67
CA LYS A 274 -9.30 -9.36 -17.73
C LYS A 274 -9.48 -7.85 -17.80
N SER A 275 -9.62 -7.21 -16.64
CA SER A 275 -9.90 -5.78 -16.62
C SER A 275 -8.67 -4.98 -17.03
N PHE A 276 -7.48 -5.47 -16.68
CA PHE A 276 -6.26 -4.77 -17.04
C PHE A 276 -6.17 -4.55 -18.55
N TYR A 277 -6.51 -5.57 -19.34
CA TYR A 277 -6.45 -5.45 -20.79
C TYR A 277 -7.69 -4.80 -21.40
N LYS A 278 -8.86 -5.01 -20.80
CA LYS A 278 -10.08 -4.46 -21.35
C LYS A 278 -10.21 -2.98 -21.09
N LYS A 279 -9.79 -2.54 -19.88
CA LYS A 279 -10.05 -1.17 -19.43
C LYS A 279 -8.80 -0.40 -19.03
N GLY A 280 -7.77 -1.11 -18.58
CA GLY A 280 -6.61 -0.48 -17.99
C GLY A 280 -5.48 -0.26 -18.98
N PRO A 281 -4.25 -0.21 -18.46
CA PRO A 281 -3.10 0.18 -19.32
C PRO A 281 -2.92 -0.69 -20.54
N GLY A 282 -3.26 -1.97 -20.46
CA GLY A 282 -3.12 -2.81 -21.65
C GLY A 282 -1.68 -3.03 -22.09
N PHE A 283 -1.49 -3.11 -23.40
CA PHE A 283 -0.23 -3.52 -24.02
C PHE A 283 0.72 -2.35 -24.21
N GLU A 284 2.00 -2.59 -23.91
CA GLU A 284 3.05 -1.60 -24.14
C GLU A 284 2.94 -1.01 -25.54
N GLY A 285 2.98 0.32 -25.61
CA GLY A 285 2.99 1.02 -26.88
C GLY A 285 1.64 1.34 -27.47
N SER A 286 0.54 0.88 -26.86
CA SER A 286 -0.79 1.13 -27.38
C SER A 286 -1.58 1.96 -26.38
N ASP A 287 -2.26 3.00 -26.88
CA ASP A 287 -3.17 3.75 -26.04
C ASP A 287 -4.64 3.55 -26.43
N ILE A 288 -4.94 2.44 -27.11
CA ILE A 288 -6.31 2.20 -27.57
C ILE A 288 -7.31 2.14 -26.42
N THR A 289 -6.89 1.65 -25.24
CA THR A 289 -7.85 1.53 -24.15
C THR A 289 -8.08 2.85 -23.43
N PHE A 290 -7.24 3.87 -23.63
CA PHE A 290 -7.35 5.05 -22.79
C PHE A 290 -7.24 6.40 -23.47
N ALA A 291 -6.90 6.48 -24.77
CA ALA A 291 -6.86 7.79 -25.42
C ALA A 291 -8.20 8.50 -25.33
N MET A 292 -9.31 7.73 -25.36
CA MET A 292 -10.63 8.34 -25.31
C MET A 292 -10.83 9.19 -24.06
N ALA A 293 -10.08 8.91 -22.98
CA ALA A 293 -10.20 9.70 -21.75
C ALA A 293 -9.55 11.07 -21.83
N SER A 294 -8.91 11.39 -22.96
CA SER A 294 -8.23 12.67 -23.06
C SER A 294 -9.18 13.84 -22.84
N ILE A 295 -10.45 13.70 -23.20
CA ILE A 295 -11.42 14.79 -23.01
C ILE A 295 -11.55 15.13 -21.53
N LEU A 296 -11.45 14.13 -20.65
CA LEU A 296 -11.62 14.36 -19.21
C LEU A 296 -10.35 14.94 -18.60
N LEU A 297 -9.17 14.45 -19.01
CA LEU A 297 -7.94 15.10 -18.60
C LEU A 297 -7.91 16.55 -19.07
N ASP A 298 -8.29 16.78 -20.33
CA ASP A 298 -8.37 18.15 -20.85
C ASP A 298 -9.21 19.02 -19.93
N ASP A 299 -10.35 18.48 -19.46
CA ASP A 299 -11.29 19.29 -18.71
C ASP A 299 -10.74 19.62 -17.33
N PHE A 300 -9.93 18.73 -16.75
CA PHE A 300 -9.27 19.08 -15.50
C PHE A 300 -8.39 20.31 -15.70
N PHE A 301 -7.64 20.35 -16.81
CA PHE A 301 -6.82 21.51 -17.11
C PHE A 301 -7.68 22.72 -17.41
N LYS A 302 -8.70 22.56 -18.26
CA LYS A 302 -9.52 23.70 -18.65
C LYS A 302 -10.12 24.39 -17.43
N GLN A 303 -10.68 23.61 -16.50
CA GLN A 303 -11.29 24.21 -15.31
C GLN A 303 -10.26 24.88 -14.42
N ALA A 304 -9.10 24.25 -14.23
CA ALA A 304 -8.04 24.86 -13.43
C ALA A 304 -7.57 26.16 -14.05
N GLU A 305 -7.37 26.17 -15.36
CA GLU A 305 -6.95 27.39 -16.04
CA GLU A 305 -6.95 27.39 -16.05
C GLU A 305 -8.01 28.49 -15.94
N ALA A 306 -9.29 28.11 -15.95
CA ALA A 306 -10.35 29.09 -15.84
C ALA A 306 -10.48 29.66 -14.43
N ALA A 307 -9.82 29.03 -13.45
CA ALA A 307 -9.94 29.50 -12.07
C ALA A 307 -9.46 30.93 -11.91
N ARG A 308 -8.56 31.39 -12.78
CA ARG A 308 -8.10 32.78 -12.68
C ARG A 308 -9.26 33.76 -12.88
N ALA A 309 -10.30 33.36 -13.60
CA ALA A 309 -11.49 34.18 -13.75
C ALA A 309 -12.43 34.06 -12.56
N GLY A 310 -12.27 33.00 -11.76
CA GLY A 310 -13.02 32.88 -10.52
C GLY A 310 -14.53 32.86 -10.67
N LYS A 311 -15.04 32.36 -11.79
CA LYS A 311 -16.48 32.30 -11.97
C LYS A 311 -17.09 31.00 -11.46
N LEU A 312 -16.27 30.06 -11.00
CA LEU A 312 -16.75 28.80 -10.45
C LEU A 312 -15.94 28.49 -9.20
N GLY A 313 -16.62 28.03 -8.16
CA GLY A 313 -15.94 27.65 -6.93
C GLY A 313 -15.45 26.22 -6.94
N ALA A 314 -16.24 25.32 -7.53
CA ALA A 314 -15.87 23.91 -7.61
C ALA A 314 -16.60 23.30 -8.81
N ASP A 315 -16.04 22.22 -9.33
CA ASP A 315 -16.65 21.47 -10.42
C ASP A 315 -16.68 20.00 -10.00
N LEU A 316 -17.88 19.43 -9.86
CA LEU A 316 -18.07 18.10 -9.29
C LEU A 316 -18.64 17.19 -10.38
N ARG A 317 -17.88 16.16 -10.77
CA ARG A 317 -18.24 15.28 -11.88
C ARG A 317 -18.43 13.87 -11.38
N PHE A 318 -19.45 13.19 -11.91
CA PHE A 318 -19.79 11.84 -11.45
C PHE A 318 -19.97 10.91 -12.64
N THR A 319 -19.43 9.68 -12.52
CA THR A 319 -19.23 8.82 -13.69
C THR A 319 -19.08 7.36 -13.24
N HIS A 320 -18.60 6.53 -14.17
CA HIS A 320 -18.44 5.09 -13.98
C HIS A 320 -16.97 4.71 -13.89
N ALA A 321 -16.73 3.46 -13.49
CA ALA A 321 -15.37 2.95 -13.40
C ALA A 321 -14.67 3.01 -14.76
N GLU A 322 -15.43 2.77 -15.84
CA GLU A 322 -14.83 2.73 -17.18
C GLU A 322 -14.38 4.09 -17.67
N GLU A 323 -14.70 5.17 -16.96
CA GLU A 323 -14.08 6.47 -17.23
C GLU A 323 -12.90 6.75 -16.32
N ILE A 324 -12.97 6.35 -15.04
CA ILE A 324 -11.86 6.57 -14.09
C ILE A 324 -10.65 5.73 -14.49
N ILE A 325 -10.88 4.46 -14.87
CA ILE A 325 -9.76 3.56 -15.16
C ILE A 325 -8.89 4.07 -16.29
N PRO A 326 -9.44 4.39 -17.47
CA PRO A 326 -8.58 4.95 -18.54
C PRO A 326 -8.01 6.31 -18.21
N LEU A 327 -8.71 7.14 -17.44
CA LEU A 327 -8.09 8.41 -17.01
C LEU A 327 -6.81 8.14 -16.23
N ALA A 328 -6.84 7.16 -15.33
CA ALA A 328 -5.64 6.84 -14.55
C ALA A 328 -4.52 6.33 -15.45
N ALA A 329 -4.85 5.48 -16.41
CA ALA A 329 -3.84 4.98 -17.34
C ALA A 329 -3.26 6.12 -18.19
N LEU A 330 -4.12 7.03 -18.68
CA LEU A 330 -3.62 8.13 -19.50
C LEU A 330 -2.68 9.03 -18.71
N MET A 331 -3.00 9.29 -17.43
CA MET A 331 -2.18 10.16 -16.59
C MET A 331 -1.00 9.42 -15.97
N GLN A 332 -0.92 8.10 -16.13
CA GLN A 332 0.13 7.29 -15.51
C GLN A 332 0.11 7.44 -13.98
N LEU A 333 -1.10 7.45 -13.40
CA LEU A 333 -1.24 7.50 -11.95
C LEU A 333 -0.67 6.23 -11.31
N PRO A 334 -0.28 6.32 -10.03
CA PRO A 334 0.29 5.14 -9.37
C PRO A 334 -0.65 3.94 -9.48
N GLY A 335 -0.06 2.80 -9.82
CA GLY A 335 -0.79 1.59 -10.13
C GLY A 335 -1.11 1.40 -11.60
N SER A 336 -1.14 2.48 -12.38
CA SER A 336 -1.51 2.45 -13.80
C SER A 336 -0.34 2.82 -14.70
N GLU A 337 0.88 2.83 -14.18
CA GLU A 337 2.04 3.30 -14.94
C GLU A 337 2.74 2.19 -15.73
N LYS A 338 2.36 0.92 -15.57
CA LYS A 338 3.08 -0.19 -16.19
CA LYS A 338 3.07 -0.19 -16.20
C LYS A 338 2.17 -0.91 -17.19
N GLN A 339 2.43 -0.71 -18.47
CA GLN A 339 1.77 -1.53 -19.48
C GLN A 339 2.45 -2.89 -19.55
N ALA A 340 1.74 -3.86 -20.13
CA ALA A 340 2.22 -5.22 -20.20
C ALA A 340 3.03 -5.46 -21.46
N ASP A 341 4.09 -6.22 -21.32
CA ASP A 341 4.85 -6.68 -22.47
C ASP A 341 4.02 -7.75 -23.17
N PRO A 342 3.82 -7.65 -24.49
CA PRO A 342 3.02 -8.68 -25.17
C PRO A 342 3.52 -10.09 -24.95
N ASP A 343 4.80 -10.26 -24.64
CA ASP A 343 5.38 -11.58 -24.42
C ASP A 343 5.26 -12.08 -22.99
N GLU A 344 4.70 -11.29 -22.08
CA GLU A 344 4.51 -11.73 -20.69
C GLU A 344 3.17 -11.21 -20.19
N ASP A 345 2.17 -12.10 -20.16
CA ASP A 345 0.84 -11.71 -19.72
C ASP A 345 0.88 -11.12 -18.30
N TYR A 346 0.03 -10.12 -18.07
CA TYR A 346 -0.19 -9.57 -16.73
C TYR A 346 -0.35 -10.66 -15.68
N THR A 347 0.31 -10.46 -14.54
CA THR A 347 0.04 -11.21 -13.31
C THR A 347 0.17 -10.25 -12.15
N TYR A 348 -0.32 -10.68 -10.99
CA TYR A 348 -0.12 -9.88 -9.78
C TYR A 348 1.36 -9.69 -9.47
N ALA A 349 2.21 -10.66 -9.81
CA ALA A 349 3.63 -10.54 -9.50
C ALA A 349 4.35 -9.56 -10.41
N ASN A 350 3.87 -9.37 -11.64
CA ASN A 350 4.60 -8.55 -12.60
C ASN A 350 3.97 -7.19 -12.88
N ASN A 351 2.88 -6.84 -12.20
CA ASN A 351 2.24 -5.57 -12.50
C ASN A 351 1.54 -5.07 -11.25
N PRO A 352 1.59 -3.76 -10.96
CA PRO A 352 0.95 -3.24 -9.75
C PRO A 352 -0.54 -2.93 -9.90
N TRP A 353 -1.08 -2.98 -11.12
CA TRP A 353 -2.47 -2.59 -11.33
C TRP A 353 -3.42 -3.54 -10.61
N ARG A 354 -4.40 -2.98 -9.90
CA ARG A 354 -5.43 -3.74 -9.18
C ARG A 354 -6.73 -2.97 -9.26
N GLY A 355 -7.83 -3.68 -9.53
CA GLY A 355 -9.11 -3.02 -9.52
C GLY A 355 -9.43 -2.37 -8.19
N ALA A 356 -9.00 -2.99 -7.08
CA ALA A 356 -9.34 -2.48 -5.75
C ALA A 356 -8.68 -1.13 -5.48
N SER A 357 -7.51 -0.88 -6.06
N SER A 357 -7.52 -0.89 -6.09
CA SER A 357 -6.86 0.40 -5.82
CA SER A 357 -6.76 0.34 -5.87
C SER A 357 -7.07 1.39 -6.94
C SER A 357 -7.03 1.37 -6.95
N VAL A 358 -7.24 0.92 -8.17
CA VAL A 358 -7.44 1.84 -9.29
C VAL A 358 -8.89 2.26 -9.38
N SER A 359 -9.83 1.34 -9.16
N SER A 359 -9.81 1.32 -9.10
CA SER A 359 -11.25 1.65 -9.32
CA SER A 359 -11.24 1.52 -9.37
C SER A 359 -12.10 0.93 -8.30
C SER A 359 -12.07 0.84 -8.28
N PRO A 360 -11.90 1.22 -7.02
CA PRO A 360 -12.87 0.81 -6.01
C PRO A 360 -14.19 1.51 -6.28
N MET A 361 -15.20 1.14 -5.51
CA MET A 361 -16.39 1.97 -5.51
C MET A 361 -16.00 3.38 -5.07
N ALA A 362 -16.70 4.39 -5.61
CA ALA A 362 -16.40 5.80 -5.35
C ALA A 362 -14.97 6.20 -5.72
N ALA A 363 -14.30 5.45 -6.60
CA ALA A 363 -12.98 5.84 -7.10
C ALA A 363 -13.02 7.30 -7.54
N ASN A 364 -12.01 8.06 -7.15
CA ASN A 364 -12.13 9.48 -7.45
C ASN A 364 -10.75 10.15 -7.56
N LEU A 365 -10.71 11.18 -8.40
CA LEU A 365 -9.55 12.05 -8.55
C LEU A 365 -9.98 13.47 -8.27
N GLN A 366 -9.16 14.21 -7.51
CA GLN A 366 -9.47 15.59 -7.15
C GLN A 366 -8.22 16.44 -7.37
N TRP A 367 -8.41 17.66 -7.85
CA TRP A 367 -7.34 18.65 -7.91
C TRP A 367 -7.79 19.85 -7.10
N ASP A 368 -6.91 20.31 -6.20
CA ASP A 368 -7.11 21.55 -5.46
C ASP A 368 -6.21 22.61 -6.09
N ILE A 369 -6.76 23.78 -6.36
CA ILE A 369 -6.01 24.86 -7.02
C ILE A 369 -5.77 25.94 -5.98
N TYR A 370 -4.49 26.30 -5.79
CA TYR A 370 -4.07 27.25 -4.78
C TYR A 370 -3.45 28.47 -5.47
N ARG A 371 -3.62 29.64 -4.86
CA ARG A 371 -3.14 30.88 -5.45
C ARG A 371 -2.34 31.69 -4.43
N ASN A 372 -1.26 32.30 -4.91
CA ASN A 372 -0.56 33.38 -4.20
C ASN A 372 -0.16 34.39 -5.25
N GLY A 373 -0.65 35.61 -5.13
CA GLY A 373 -0.35 36.59 -6.16
C GLY A 373 -0.93 36.13 -7.49
N THR A 374 -0.07 35.99 -8.50
CA THR A 374 -0.47 35.46 -9.79
C THR A 374 -0.02 34.01 -10.01
N THR A 375 0.48 33.35 -8.97
CA THR A 375 0.99 31.99 -9.06
C THR A 375 -0.10 31.01 -8.68
N TYR A 376 -0.39 30.04 -9.55
CA TYR A 376 -1.38 29.00 -9.30
C TYR A 376 -0.70 27.64 -9.20
N LEU A 377 -1.00 26.91 -8.11
CA LEU A 377 -0.49 25.57 -7.88
C LEU A 377 -1.65 24.58 -7.84
N VAL A 378 -1.32 23.33 -8.16
CA VAL A 378 -2.26 22.21 -8.10
C VAL A 378 -1.71 21.17 -7.14
N ARG A 379 -2.60 20.59 -6.33
CA ARG A 379 -2.31 19.41 -5.52
C ARG A 379 -3.34 18.35 -5.91
N MET A 380 -2.87 17.14 -6.20
CA MET A 380 -3.72 16.05 -6.69
C MET A 380 -3.95 15.01 -5.60
N LEU A 381 -5.21 14.59 -5.44
CA LEU A 381 -5.59 13.49 -4.55
C LEU A 381 -6.21 12.38 -5.36
N TYR A 382 -5.81 11.14 -5.08
CA TYR A 382 -6.30 9.96 -5.78
C TYR A 382 -6.75 8.96 -4.73
N GLN A 383 -8.05 8.65 -4.72
CA GLN A 383 -8.66 7.94 -3.57
C GLN A 383 -8.32 8.68 -2.28
N GLU A 384 -8.21 10.00 -2.38
CA GLU A 384 -7.91 10.88 -1.25
C GLU A 384 -6.52 10.68 -0.64
N LYS A 385 -5.64 9.99 -1.36
CA LYS A 385 -4.21 10.02 -1.06
C LYS A 385 -3.55 11.10 -1.90
N GLU A 386 -2.74 11.93 -1.25
CA GLU A 386 -2.01 12.99 -1.96
C GLU A 386 -0.84 12.35 -2.70
N ILE A 387 -0.79 12.52 -4.02
CA ILE A 387 0.15 11.77 -4.85
C ILE A 387 0.92 12.71 -5.75
N PRO A 388 2.14 12.34 -6.13
CA PRO A 388 2.87 13.10 -7.16
C PRO A 388 2.22 12.90 -8.51
N PHE A 389 2.54 13.81 -9.43
CA PHE A 389 2.31 13.58 -10.85
C PHE A 389 3.44 12.73 -11.42
N LYS A 390 3.26 12.27 -12.66
CA LYS A 390 4.27 11.52 -13.37
C LYS A 390 5.62 12.23 -13.32
N PRO A 391 6.72 11.48 -13.40
CA PRO A 391 8.02 12.01 -12.94
C PRO A 391 8.61 13.11 -13.80
N ASP A 392 8.18 13.28 -15.06
CA ASP A 392 8.70 14.40 -15.85
C ASP A 392 8.04 15.73 -15.47
N CYS A 393 7.07 15.71 -14.56
CA CYS A 393 6.49 16.93 -14.03
C CYS A 393 7.27 17.33 -12.78
N THR A 394 7.72 18.59 -12.73
CA THR A 394 8.59 19.01 -11.64
C THR A 394 7.79 19.72 -10.56
N PRO A 395 7.91 19.30 -9.30
CA PRO A 395 7.17 19.96 -8.23
C PRO A 395 7.63 21.40 -7.97
N PHE A 396 6.77 22.12 -7.24
CA PHE A 396 7.00 23.53 -6.92
C PHE A 396 8.31 23.74 -6.14
N THR A 397 8.59 22.86 -5.19
CA THR A 397 9.86 22.83 -4.47
C THR A 397 10.23 21.37 -4.32
N PRO A 398 11.49 21.06 -4.02
CA PRO A 398 11.91 19.65 -3.97
C PRO A 398 11.09 18.88 -2.95
N GLY A 399 10.57 17.72 -3.35
CA GLY A 399 9.75 16.90 -2.47
C GLY A 399 8.31 17.35 -2.32
N SER A 400 7.92 18.45 -2.95
CA SER A 400 6.55 18.96 -2.81
C SER A 400 5.56 18.12 -3.61
N HIS A 401 4.34 18.02 -3.08
CA HIS A 401 3.20 17.50 -3.83
C HIS A 401 2.39 18.61 -4.49
N TYR A 402 2.86 19.86 -4.41
CA TYR A 402 2.25 20.98 -5.11
C TYR A 402 3.04 21.26 -6.38
N TYR A 403 2.32 21.58 -7.46
CA TYR A 403 2.90 21.80 -8.78
C TYR A 403 2.35 23.09 -9.38
N ARG A 404 3.22 23.87 -10.03
CA ARG A 404 2.73 25.01 -10.78
CA ARG A 404 2.73 25.01 -10.78
C ARG A 404 1.82 24.52 -11.91
N LEU A 405 0.69 25.22 -12.07
CA LEU A 405 -0.22 24.85 -13.16
C LEU A 405 0.50 24.95 -14.51
N ASP A 406 1.35 25.96 -14.69
CA ASP A 406 2.03 26.07 -15.97
C ASP A 406 3.06 24.95 -16.17
N GLU A 407 3.62 24.41 -15.09
CA GLU A 407 4.47 23.24 -15.24
C GLU A 407 3.64 22.01 -15.63
N LEU A 408 2.47 21.83 -15.02
CA LEU A 408 1.62 20.71 -15.41
C LEU A 408 1.20 20.81 -16.86
N SER A 409 0.86 22.02 -17.31
N SER A 409 0.85 22.02 -17.31
CA SER A 409 0.53 22.23 -18.71
CA SER A 409 0.52 22.21 -18.71
C SER A 409 1.68 21.81 -19.61
C SER A 409 1.68 21.79 -19.61
N ARG A 410 2.90 22.18 -19.24
CA ARG A 410 4.07 21.83 -20.04
C ARG A 410 4.31 20.32 -20.03
N CYS A 411 4.30 19.70 -18.84
CA CYS A 411 4.67 18.28 -18.79
C CYS A 411 3.59 17.38 -19.38
N PHE A 412 2.37 17.87 -19.55
CA PHE A 412 1.32 17.12 -20.25
C PHE A 412 1.20 17.52 -21.72
N GLY A 413 2.13 18.34 -22.24
CA GLY A 413 2.20 18.65 -23.65
C GLY A 413 1.23 19.70 -24.14
N ARG A 414 0.54 20.40 -23.22
CA ARG A 414 -0.45 21.40 -23.59
C ARG A 414 0.16 22.74 -23.98
N THR A 415 1.36 23.02 -23.49
CA THR A 415 2.08 24.27 -23.78
C THR A 415 3.55 23.92 -23.88
N ALA A 416 4.33 24.86 -24.42
CA ALA A 416 5.77 24.65 -24.56
C ALA A 416 6.50 24.91 -23.25
N ARG A 417 5.97 25.81 -22.43
CA ARG A 417 6.68 26.33 -21.28
C ARG A 417 5.70 27.12 -20.43
N THR B 5 2.70 5.01 10.14
CA THR B 5 3.21 5.49 11.42
C THR B 5 4.07 6.74 11.22
N ALA B 6 4.55 6.92 9.98
CA ALA B 6 5.38 8.05 9.62
C ALA B 6 5.53 8.05 8.11
N GLN B 7 5.61 9.24 7.52
CA GLN B 7 5.61 9.33 6.06
C GLN B 7 7.01 9.41 5.46
N TYR B 8 7.96 10.00 6.16
CA TYR B 8 9.24 10.36 5.57
C TYR B 8 10.40 9.86 6.41
N SER B 9 10.23 8.72 7.07
CA SER B 9 11.20 8.24 8.04
C SER B 9 12.02 7.06 7.55
N THR B 10 11.80 6.59 6.32
CA THR B 10 12.52 5.44 5.75
C THR B 10 12.78 4.34 6.77
N SER B 11 14.05 4.03 7.02
N SER B 11 14.04 3.99 7.03
CA SER B 11 14.45 2.92 7.89
CA SER B 11 14.32 2.87 7.90
C SER B 11 14.16 3.19 9.37
C SER B 11 14.16 3.19 9.38
N LYS B 12 13.72 4.39 9.73
CA LYS B 12 13.32 4.70 11.09
C LYS B 12 11.82 4.67 11.28
N THR B 13 11.06 4.30 10.26
CA THR B 13 9.62 4.25 10.38
C THR B 13 9.19 3.24 11.45
N PRO B 14 8.40 3.64 12.44
CA PRO B 14 7.94 2.67 13.44
C PRO B 14 7.10 1.57 12.80
N TYR B 15 7.05 0.43 13.47
CA TYR B 15 6.41 -0.76 12.92
C TYR B 15 4.90 -0.68 13.06
N SER B 16 4.21 -1.20 12.03
CA SER B 16 2.83 -1.57 12.17
C SER B 16 2.61 -2.83 11.33
N PRO B 17 1.83 -3.78 11.84
CA PRO B 17 1.53 -4.97 11.04
C PRO B 17 0.71 -4.58 9.81
N GLN B 18 0.98 -5.25 8.69
CA GLN B 18 0.45 -4.81 7.40
C GLN B 18 -0.75 -5.60 6.94
N GLN B 19 -1.34 -6.41 7.82
CA GLN B 19 -2.58 -7.13 7.53
C GLN B 19 -3.22 -7.54 8.85
N ASP B 20 -4.55 -7.54 8.87
CA ASP B 20 -5.32 -8.05 10.01
C ASP B 20 -5.26 -9.57 10.01
N ILE B 21 -4.89 -10.17 11.14
CA ILE B 21 -4.70 -11.62 11.15
C ILE B 21 -6.00 -12.36 10.86
N ARG B 22 -7.15 -11.70 11.05
CA ARG B 22 -8.40 -12.38 10.76
C ARG B 22 -8.62 -12.58 9.26
N THR B 23 -7.83 -11.92 8.41
CA THR B 23 -7.93 -12.11 6.98
C THR B 23 -6.84 -13.02 6.41
N TYR B 24 -5.99 -13.61 7.25
CA TYR B 24 -5.08 -14.63 6.75
C TYR B 24 -5.87 -15.81 6.21
N GLN B 25 -5.31 -16.48 5.21
CA GLN B 25 -5.96 -17.70 4.71
C GLN B 25 -5.86 -18.80 5.77
N PRO B 26 -6.94 -19.52 6.05
CA PRO B 26 -6.87 -20.62 7.00
C PRO B 26 -6.08 -21.79 6.42
N PRO B 27 -5.52 -22.65 7.25
CA PRO B 27 -4.79 -23.79 6.71
C PRO B 27 -5.72 -24.69 5.93
N PRO B 28 -5.22 -25.33 4.88
CA PRO B 28 -6.06 -26.27 4.12
C PRO B 28 -6.57 -27.37 5.05
N PRO B 29 -7.62 -28.08 4.66
CA PRO B 29 -8.23 -29.03 5.59
C PRO B 29 -7.25 -30.14 6.00
N GLY B 30 -7.26 -30.46 7.29
CA GLY B 30 -6.40 -31.49 7.84
C GLY B 30 -5.01 -31.04 8.22
N PHE B 31 -4.63 -29.80 7.90
CA PHE B 31 -3.30 -29.29 8.22
C PHE B 31 -3.30 -28.56 9.55
N THR B 32 -2.31 -28.85 10.38
CA THR B 32 -2.15 -28.18 11.67
C THR B 32 -0.74 -27.66 11.80
N ALA B 33 -0.59 -26.55 12.52
CA ALA B 33 0.71 -25.93 12.67
C ALA B 33 1.61 -26.77 13.57
N VAL B 34 2.84 -27.00 13.13
CA VAL B 34 3.81 -27.79 13.89
C VAL B 34 5.10 -27.05 14.19
N PHE B 35 5.33 -25.89 13.59
CA PHE B 35 6.59 -25.17 13.79
C PHE B 35 6.40 -23.76 13.26
N THR B 36 7.08 -22.80 13.89
CA THR B 36 7.15 -21.45 13.34
C THR B 36 8.55 -20.90 13.52
N GLU B 37 8.96 -20.04 12.60
CA GLU B 37 10.29 -19.44 12.67
C GLU B 37 10.21 -17.99 12.22
N LEU B 38 11.07 -17.17 12.84
CA LEU B 38 10.96 -15.73 12.74
C LEU B 38 12.37 -15.16 12.64
N VAL B 39 12.53 -14.11 11.85
CA VAL B 39 13.67 -13.21 11.98
C VAL B 39 13.11 -11.80 12.05
N SER B 40 13.54 -11.04 13.06
CA SER B 40 13.01 -9.71 13.25
C SER B 40 14.13 -8.75 13.59
N ARG B 41 14.06 -7.56 13.00
CA ARG B 41 14.85 -6.43 13.47
C ARG B 41 14.40 -6.03 14.88
N HIS B 42 15.29 -5.37 15.61
CA HIS B 42 14.90 -4.71 16.85
C HIS B 42 13.76 -3.75 16.57
N GLY B 43 13.04 -3.37 17.64
CA GLY B 43 11.99 -2.38 17.52
C GLY B 43 12.51 -0.95 17.50
N SER B 44 11.57 -0.01 17.46
CA SER B 44 11.89 1.42 17.48
C SER B 44 12.93 1.73 18.55
N ARG B 45 13.83 2.66 18.22
CA ARG B 45 14.99 2.95 19.04
C ARG B 45 15.32 4.43 18.97
N THR B 46 16.20 4.86 19.88
CA THR B 46 16.75 6.21 19.84
C THR B 46 17.83 6.29 18.76
N PRO B 47 18.23 7.50 18.39
CA PRO B 47 19.38 7.65 17.49
C PRO B 47 20.63 7.03 18.10
N THR B 48 21.54 6.59 17.23
CA THR B 48 22.78 5.97 17.68
C THR B 48 23.84 6.99 18.09
N LYS B 49 23.72 8.22 17.60
CA LYS B 49 24.71 9.27 17.82
C LYS B 49 23.98 10.55 18.16
N ILE B 50 24.59 11.33 19.05
CA ILE B 50 24.06 12.63 19.45
C ILE B 50 24.86 13.77 18.84
N ASP B 51 25.86 13.47 18.00
CA ASP B 51 26.71 14.51 17.43
C ASP B 51 25.91 15.47 16.56
N GLY B 52 24.89 14.99 15.87
CA GLY B 52 24.07 15.88 15.06
C GLY B 52 23.32 16.91 15.90
N ALA B 53 22.78 16.47 17.04
CA ALA B 53 22.11 17.42 17.94
C ALA B 53 23.10 18.43 18.51
N ASP B 54 24.34 18.02 18.78
CA ASP B 54 25.34 18.95 19.28
C ASP B 54 25.71 19.98 18.22
N LEU B 55 25.93 19.52 16.98
CA LEU B 55 26.21 20.43 15.88
C LEU B 55 25.11 21.48 15.75
N LEU B 56 23.85 21.05 15.86
CA LEU B 56 22.74 21.99 15.70
C LEU B 56 22.67 22.96 16.88
N LEU B 57 22.96 22.47 18.09
CA LEU B 57 22.95 23.37 19.25
C LEU B 57 24.06 24.40 19.19
N GLN B 58 25.25 24.00 18.72
CA GLN B 58 26.31 24.99 18.51
C GLN B 58 25.91 26.03 17.48
N LEU B 59 25.32 25.60 16.36
CA LEU B 59 24.86 26.58 15.37
C LEU B 59 23.78 27.47 15.94
N TRP B 60 22.86 26.90 16.72
CA TRP B 60 21.77 27.68 17.27
C TRP B 60 22.29 28.76 18.21
N ALA B 61 23.16 28.39 19.14
CA ALA B 61 23.67 29.36 20.11
C ALA B 61 24.41 30.48 19.42
N LYS B 62 25.12 30.17 18.32
CA LYS B 62 25.82 31.22 17.59
C LYS B 62 24.83 32.19 16.95
N ALA B 63 23.78 31.67 16.31
CA ALA B 63 22.76 32.52 15.73
C ALA B 63 22.03 33.30 16.82
N ARG B 64 21.70 32.65 17.93
CA ARG B 64 21.07 33.36 19.03
C ARG B 64 21.91 34.53 19.50
N ASP B 65 23.22 34.32 19.63
CA ASP B 65 24.10 35.39 20.08
C ASP B 65 24.20 36.52 19.06
N GLU B 66 23.97 36.21 17.78
CA GLU B 66 23.96 37.19 16.71
C GLU B 66 22.58 37.78 16.47
N SER B 67 21.59 37.40 17.26
CA SER B 67 20.20 37.82 17.05
C SER B 67 19.75 37.51 15.62
N GLU B 68 19.93 36.26 15.22
CA GLU B 68 19.65 35.83 13.86
C GLU B 68 18.75 34.60 13.85
N LEU B 69 17.81 34.54 14.79
CA LEU B 69 16.86 33.44 14.88
C LEU B 69 15.48 33.91 14.45
N THR B 70 14.78 33.05 13.72
CA THR B 70 13.37 33.30 13.44
C THR B 70 12.58 33.24 14.73
N SER B 71 11.29 33.60 14.64
CA SER B 71 10.40 33.48 15.78
C SER B 71 10.37 32.04 16.29
N ALA B 72 10.06 31.09 15.41
CA ALA B 72 10.10 29.69 15.79
C ALA B 72 11.50 29.28 16.23
N GLY B 73 12.53 29.88 15.62
CA GLY B 73 13.89 29.52 15.97
C GLY B 73 14.20 29.75 17.44
N GLN B 74 13.49 30.69 18.08
CA GLN B 74 13.66 30.94 19.50
C GLN B 74 13.58 29.64 20.29
N ASP B 75 12.57 28.82 20.02
CA ASP B 75 12.30 27.63 20.82
C ASP B 75 13.09 26.42 20.39
N PHE B 76 13.88 26.52 19.32
CA PHE B 76 14.62 25.35 18.84
C PHE B 76 15.67 24.90 19.86
N GLY B 77 16.43 25.84 20.41
CA GLY B 77 17.44 25.50 21.38
C GLY B 77 16.86 24.72 22.53
N PRO B 78 15.82 25.27 23.16
CA PRO B 78 15.17 24.54 24.26
C PRO B 78 14.63 23.18 23.85
N THR B 79 14.00 23.09 22.68
CA THR B 79 13.40 21.83 22.25
C THR B 79 14.48 20.78 22.02
N MET B 80 15.53 21.14 21.29
CA MET B 80 16.59 20.17 21.01
CA MET B 80 16.59 20.17 21.01
C MET B 80 17.36 19.78 22.27
N GLU B 81 17.44 20.68 23.25
CA GLU B 81 18.05 20.31 24.52
C GLU B 81 17.20 19.26 25.23
N SER B 82 15.87 19.44 25.22
CA SER B 82 14.98 18.48 25.84
C SER B 82 15.01 17.14 25.11
N TYR B 83 14.98 17.18 23.78
CA TYR B 83 15.04 15.95 22.99
C TYR B 83 16.34 15.19 23.25
N ARG B 84 17.47 15.90 23.19
CA ARG B 84 18.76 15.30 23.51
C ARG B 84 18.74 14.63 24.88
N ALA B 85 18.19 15.33 25.88
CA ALA B 85 18.15 14.78 27.23
C ALA B 85 17.33 13.49 27.28
N ALA B 86 16.16 13.48 26.63
CA ALA B 86 15.32 12.29 26.60
C ALA B 86 16.03 11.14 25.89
N ILE B 87 16.74 11.45 24.81
CA ILE B 87 17.54 10.44 24.13
C ILE B 87 18.61 9.88 25.07
N GLN B 88 19.34 10.77 25.74
CA GLN B 88 20.41 10.30 26.63
C GLN B 88 19.84 9.48 27.79
N LYS B 89 18.60 9.78 28.22
CA LYS B 89 17.98 9.02 29.30
C LYS B 89 17.73 7.57 28.88
N VAL B 90 17.04 7.39 27.74
CA VAL B 90 16.81 6.05 27.22
C VAL B 90 18.14 5.36 26.92
N GLY B 91 19.11 6.13 26.47
CA GLY B 91 20.39 5.58 26.04
C GLY B 91 20.48 5.59 24.53
N LEU B 92 21.68 5.87 24.01
CA LEU B 92 21.87 5.94 22.57
C LEU B 92 21.71 4.56 21.93
N GLY B 93 20.96 4.50 20.83
CA GLY B 93 20.81 3.23 20.14
C GLY B 93 20.07 2.16 20.91
N GLN B 94 19.16 2.56 21.81
CA GLN B 94 18.43 1.62 22.65
C GLN B 94 16.95 1.64 22.32
N GLU B 95 16.28 0.54 22.68
CA GLU B 95 14.84 0.40 22.48
C GLU B 95 14.07 1.48 23.24
N THR B 96 13.02 1.99 22.61
CA THR B 96 12.08 2.92 23.23
C THR B 96 10.83 2.17 23.68
N GLY B 97 9.94 2.91 24.37
CA GLY B 97 8.67 2.33 24.76
C GLY B 97 7.86 1.83 23.58
N ARG B 98 7.97 2.52 22.44
CA ARG B 98 7.28 2.06 21.24
C ARG B 98 7.87 0.76 20.73
N GLY B 99 9.21 0.62 20.82
CA GLY B 99 9.81 -0.65 20.46
C GLY B 99 9.22 -1.81 21.25
N ARG B 100 9.04 -1.60 22.56
CA ARG B 100 8.41 -2.64 23.38
C ARG B 100 7.01 -2.97 22.87
N GLN B 101 6.19 -1.95 22.64
CA GLN B 101 4.83 -2.19 22.15
C GLN B 101 4.84 -2.97 20.83
N GLU B 102 5.77 -2.63 19.94
CA GLU B 102 5.85 -3.30 18.63
C GLU B 102 6.04 -4.80 18.79
N LEU B 103 7.02 -5.19 19.61
CA LEU B 103 7.33 -6.62 19.76
C LEU B 103 6.25 -7.34 20.57
N GLN B 104 5.63 -6.66 21.53
CA GLN B 104 4.54 -7.30 22.26
C GLN B 104 3.38 -7.62 21.33
N GLY B 105 3.06 -6.71 20.41
CA GLY B 105 2.00 -6.98 19.46
C GLY B 105 2.34 -8.15 18.55
N MET B 106 3.61 -8.24 18.15
CA MET B 106 4.04 -9.35 17.30
C MET B 106 3.90 -10.68 18.02
N ALA B 107 4.30 -10.72 19.29
CA ALA B 107 4.13 -11.96 20.06
C ALA B 107 2.64 -12.26 20.26
N ASP B 108 1.84 -11.23 20.53
CA ASP B 108 0.40 -11.43 20.69
C ASP B 108 -0.19 -12.09 19.46
N ARG B 109 0.18 -11.60 18.29
CA ARG B 109 -0.45 -12.10 17.07
C ARG B 109 0.07 -13.49 16.70
N MET B 110 1.34 -13.79 16.98
CA MET B 110 1.83 -15.15 16.77
C MET B 110 1.02 -16.14 17.58
N GLN B 111 0.76 -15.81 18.85
CA GLN B 111 0.03 -16.73 19.71
C GLN B 111 -1.43 -16.83 19.28
N ARG B 112 -2.02 -15.73 18.81
CA ARG B 112 -3.41 -15.79 18.38
C ARG B 112 -3.56 -16.56 17.07
N ARG B 113 -2.55 -16.51 16.20
CA ARG B 113 -2.67 -17.16 14.90
C ARG B 113 -2.27 -18.62 14.91
N LEU B 114 -1.49 -19.06 15.91
CA LEU B 114 -1.00 -20.44 15.99
C LEU B 114 -1.35 -21.07 17.34
N PRO B 115 -2.61 -20.98 17.78
CA PRO B 115 -2.92 -21.51 19.12
C PRO B 115 -2.66 -22.99 19.24
N GLU B 116 -2.86 -23.75 18.15
CA GLU B 116 -2.64 -25.19 18.19
C GLU B 116 -1.16 -25.54 18.30
N LEU B 117 -0.28 -24.73 17.70
CA LEU B 117 1.16 -24.96 17.86
C LEU B 117 1.58 -24.86 19.32
N PHE B 118 1.15 -23.79 19.99
CA PHE B 118 1.59 -23.60 21.37
C PHE B 118 0.99 -24.64 22.33
N GLU B 119 -0.23 -25.12 22.05
CA GLU B 119 -0.74 -26.25 22.81
C GLU B 119 0.14 -27.49 22.60
N LYS B 120 0.58 -27.70 21.35
CA LYS B 120 1.41 -28.87 21.04
C LYS B 120 2.80 -28.75 21.67
N ILE B 121 3.36 -27.54 21.66
CA ILE B 121 4.69 -27.32 22.24
C ILE B 121 4.68 -27.69 23.72
N LYS B 122 3.63 -27.29 24.44
CA LYS B 122 3.54 -27.61 25.86
C LYS B 122 3.33 -29.11 26.06
N LYS B 123 2.47 -29.72 25.24
CA LYS B 123 2.21 -31.16 25.38
C LYS B 123 3.48 -31.97 25.13
N ASP B 124 4.29 -31.57 24.16
CA ASP B 124 5.49 -32.32 23.82
C ASP B 124 6.73 -31.78 24.51
N ALA B 125 6.59 -30.72 25.31
CA ALA B 125 7.71 -30.09 26.01
C ALA B 125 8.84 -29.74 25.04
N THR B 126 8.44 -29.24 23.80
CA THR B 126 9.57 -28.98 22.93
C THR B 126 10.08 -27.56 23.11
N PRO B 127 11.35 -27.34 22.81
CA PRO B 127 11.98 -26.04 23.08
C PRO B 127 11.60 -24.98 22.05
N ILE B 128 11.62 -23.73 22.52
CA ILE B 128 11.55 -22.54 21.67
C ILE B 128 12.92 -21.89 21.73
N ALA B 129 13.60 -21.82 20.59
CA ALA B 129 14.95 -21.33 20.53
C ALA B 129 14.97 -19.82 20.28
N VAL B 130 15.97 -19.15 20.85
CA VAL B 130 16.15 -17.71 20.70
C VAL B 130 17.58 -17.45 20.23
N VAL B 131 17.74 -16.78 19.09
CA VAL B 131 19.04 -16.55 18.48
C VAL B 131 19.21 -15.05 18.24
N LEU B 132 20.37 -14.51 18.62
CA LEU B 132 20.61 -13.07 18.60
C LEU B 132 21.87 -12.77 17.81
N SER B 133 21.92 -11.56 17.24
CA SER B 133 23.17 -11.07 16.67
C SER B 133 24.14 -10.59 17.73
N GLN B 134 23.64 -10.15 18.89
CA GLN B 134 24.42 -9.58 19.97
C GLN B 134 23.73 -9.95 21.26
N GLN B 135 24.49 -10.03 22.35
CA GLN B 135 23.87 -10.44 23.61
C GLN B 135 23.49 -9.30 24.54
N THR B 136 23.80 -8.05 24.18
CA THR B 136 23.32 -6.89 24.93
C THR B 136 22.82 -5.85 23.93
N GLY B 137 22.13 -4.84 24.46
CA GLY B 137 21.70 -3.73 23.64
C GLY B 137 20.32 -3.95 23.06
N ARG B 138 20.03 -3.20 21.99
CA ARG B 138 18.67 -3.20 21.45
C ARG B 138 18.24 -4.57 20.96
N ILE B 139 19.17 -5.40 20.48
CA ILE B 139 18.82 -6.72 19.98
C ILE B 139 18.35 -7.62 21.12
N ALA B 140 19.10 -7.63 22.23
CA ALA B 140 18.75 -8.47 23.37
C ALA B 140 17.47 -7.99 24.03
N ASP B 141 17.29 -6.66 24.12
CA ASP B 141 16.08 -6.14 24.73
C ASP B 141 14.87 -6.47 23.85
N THR B 142 15.04 -6.39 22.53
CA THR B 142 13.96 -6.75 21.61
C THR B 142 13.52 -8.18 21.82
N ALA B 143 14.48 -9.11 21.89
CA ALA B 143 14.14 -10.51 22.07
C ALA B 143 13.36 -10.72 23.36
N LYS B 144 13.77 -10.07 24.44
CA LYS B 144 13.08 -10.21 25.72
C LYS B 144 11.66 -9.64 25.66
N PHE B 145 11.46 -8.50 24.98
CA PHE B 145 10.09 -8.01 24.83
C PHE B 145 9.20 -9.13 24.30
N PHE B 146 9.70 -9.86 23.30
CA PHE B 146 8.91 -10.87 22.62
C PHE B 146 8.71 -12.11 23.50
N THR B 147 9.80 -12.66 24.05
CA THR B 147 9.66 -13.87 24.85
C THR B 147 8.98 -13.61 26.18
N ALA B 148 9.19 -12.45 26.79
CA ALA B 148 8.48 -12.14 28.03
C ALA B 148 6.97 -12.07 27.78
N ARG B 149 6.56 -11.56 26.61
CA ARG B 149 5.14 -11.51 26.29
C ARG B 149 4.56 -12.91 26.07
N LEU B 150 5.29 -13.78 25.36
CA LEU B 150 4.83 -15.16 25.24
C LEU B 150 4.55 -15.78 26.61
N GLY B 151 5.48 -15.60 27.54
CA GLY B 151 5.32 -16.21 28.86
C GLY B 151 4.32 -15.51 29.75
N ALA B 152 4.09 -14.22 29.54
CA ALA B 152 3.03 -13.54 30.28
C ALA B 152 1.65 -14.04 29.83
N THR B 153 1.49 -14.26 28.53
CA THR B 153 0.22 -14.76 28.00
C THR B 153 0.03 -16.23 28.29
N ASP B 154 1.10 -17.00 28.27
CA ASP B 154 1.04 -18.46 28.37
C ASP B 154 2.14 -18.89 29.31
N PRO B 155 1.92 -18.76 30.63
CA PRO B 155 3.00 -19.06 31.59
C PRO B 155 3.61 -20.44 31.45
N ALA B 156 2.84 -21.44 31.04
CA ALA B 156 3.39 -22.77 30.83
C ALA B 156 4.41 -22.81 29.70
N LEU B 157 4.44 -21.79 28.83
CA LEU B 157 5.47 -21.72 27.80
C LEU B 157 6.82 -21.35 28.37
N ALA B 158 6.84 -20.52 29.41
CA ALA B 158 8.09 -19.94 29.90
C ALA B 158 9.21 -20.97 30.08
N PRO B 159 9.01 -22.08 30.79
CA PRO B 159 10.13 -23.03 30.97
C PRO B 159 10.62 -23.65 29.66
N LEU B 160 9.88 -23.52 28.57
CA LEU B 160 10.27 -24.10 27.29
C LEU B 160 11.03 -23.13 26.40
N ILE B 161 11.07 -21.86 26.76
CA ILE B 161 11.82 -20.87 25.99
C ILE B 161 13.28 -20.91 26.43
N GLN B 162 14.16 -21.22 25.48
CA GLN B 162 15.57 -21.36 25.78
C GLN B 162 16.22 -20.00 26.01
N GLN B 163 17.27 -19.98 26.83
CA GLN B 163 18.07 -18.77 26.97
C GLN B 163 18.72 -18.44 25.62
N PRO B 164 18.93 -17.16 25.33
CA PRO B 164 19.39 -16.79 23.99
C PRO B 164 20.81 -17.27 23.71
N VAL B 165 21.05 -17.59 22.45
CA VAL B 165 22.39 -17.88 21.94
C VAL B 165 22.73 -16.84 20.88
N VAL B 166 24.00 -16.51 20.78
CA VAL B 166 24.47 -15.55 19.79
C VAL B 166 25.01 -16.33 18.60
N ASP B 167 24.66 -15.88 17.39
CA ASP B 167 25.15 -16.48 16.15
C ASP B 167 25.41 -15.33 15.17
N GLN B 168 26.63 -14.80 15.21
CA GLN B 168 26.94 -13.62 14.41
C GLN B 168 27.07 -13.94 12.92
N ASP B 169 27.48 -15.17 12.59
CA ASP B 169 27.55 -15.49 11.17
C ASP B 169 26.17 -15.51 10.54
N LEU B 170 25.16 -15.93 11.31
CA LEU B 170 23.79 -16.02 10.79
C LEU B 170 23.07 -14.69 10.84
N LEU B 171 23.34 -13.88 11.87
CA LEU B 171 22.52 -12.70 12.15
C LEU B 171 23.31 -11.40 12.18
N TYR B 172 24.59 -11.45 11.81
CA TYR B 172 25.39 -10.23 11.78
C TYR B 172 26.37 -10.28 10.63
N PHE B 173 25.97 -10.93 9.53
CA PHE B 173 26.92 -11.23 8.46
C PHE B 173 27.48 -9.99 7.79
N HIS B 174 26.75 -8.86 7.79
CA HIS B 174 27.31 -7.69 7.12
C HIS B 174 28.59 -7.21 7.78
N LYS B 175 28.82 -7.58 9.05
CA LYS B 175 29.97 -7.14 9.81
C LYS B 175 30.99 -8.24 10.06
N THR B 176 30.72 -9.47 9.64
CA THR B 176 31.63 -10.60 9.86
C THR B 176 32.28 -11.04 8.54
N GLU B 177 32.98 -12.17 8.59
CA GLU B 177 33.77 -12.60 7.44
C GLU B 177 32.90 -12.83 6.21
N ARG B 178 31.66 -13.28 6.40
CA ARG B 178 30.78 -13.55 5.27
C ARG B 178 30.47 -12.28 4.47
N GLY B 179 30.56 -11.12 5.10
CA GLY B 179 30.29 -9.87 4.41
C GLY B 179 31.55 -9.15 3.96
N LYS B 180 32.68 -9.86 3.96
CA LYS B 180 33.95 -9.24 3.60
C LYS B 180 33.92 -8.69 2.16
N ALA B 181 33.50 -9.52 1.20
CA ALA B 181 33.45 -9.05 -0.18
C ALA B 181 32.48 -7.89 -0.32
N TYR B 182 31.34 -7.95 0.35
CA TYR B 182 30.37 -6.86 0.33
C TYR B 182 31.00 -5.56 0.82
N ARG B 183 31.68 -5.61 1.97
CA ARG B 183 32.30 -4.40 2.50
C ARG B 183 33.41 -3.89 1.59
N ASP B 184 34.17 -4.79 0.96
CA ASP B 184 35.19 -4.36 0.00
C ASP B 184 34.54 -3.71 -1.22
N TYR B 185 33.38 -4.21 -1.65
CA TYR B 185 32.66 -3.59 -2.76
C TYR B 185 32.27 -2.16 -2.43
N LEU B 186 31.71 -1.94 -1.23
CA LEU B 186 31.28 -0.59 -0.85
C LEU B 186 32.45 0.38 -0.81
N GLU B 187 33.63 -0.10 -0.41
CA GLU B 187 34.77 0.80 -0.25
C GLU B 187 35.51 1.07 -1.55
N ASN B 188 35.40 0.18 -2.54
CA ASN B 188 36.30 0.21 -3.68
C ASN B 188 35.63 0.22 -5.04
N ASP B 189 34.37 -0.21 -5.17
CA ASP B 189 33.77 -0.34 -6.49
C ASP B 189 33.48 1.03 -7.07
N GLN B 190 33.98 1.28 -8.29
CA GLN B 190 33.88 2.63 -8.83
C GLN B 190 32.48 2.96 -9.33
N ARG B 191 31.81 2.01 -10.00
CA ARG B 191 30.43 2.27 -10.41
C ARG B 191 29.57 2.61 -9.20
N TYR B 192 29.76 1.89 -8.10
CA TYR B 192 29.02 2.21 -6.88
C TYR B 192 29.37 3.62 -6.37
N GLN B 193 30.66 3.93 -6.28
CA GLN B 193 31.04 5.27 -5.82
C GLN B 193 30.47 6.35 -6.73
N GLU B 194 30.54 6.16 -8.05
CA GLU B 194 29.99 7.13 -8.98
C GLU B 194 28.50 7.32 -8.75
N THR B 195 27.78 6.22 -8.52
CA THR B 195 26.34 6.31 -8.31
C THR B 195 26.01 7.05 -7.02
N VAL B 196 26.70 6.72 -5.93
CA VAL B 196 26.51 7.44 -4.68
C VAL B 196 26.73 8.93 -4.87
N LYS B 197 27.77 9.30 -5.63
CA LYS B 197 28.04 10.71 -5.88
C LYS B 197 26.89 11.37 -6.63
N ARG B 198 26.35 10.69 -7.65
CA ARG B 198 25.22 11.27 -8.38
C ARG B 198 24.05 11.54 -7.44
N ILE B 199 23.77 10.62 -6.53
CA ILE B 199 22.68 10.82 -5.57
C ILE B 199 22.99 12.02 -4.67
N LYS B 200 24.22 12.08 -4.16
CA LYS B 200 24.58 13.17 -3.27
C LYS B 200 24.53 14.53 -3.96
N ASN B 201 24.73 14.57 -5.28
CA ASN B 201 24.71 15.83 -6.02
C ASN B 201 23.38 16.08 -6.73
N ARG B 202 22.33 15.36 -6.36
CA ARG B 202 21.04 15.55 -7.01
C ARG B 202 20.56 16.99 -6.87
N ASP B 203 20.11 17.56 -7.99
CA ASP B 203 19.60 18.92 -7.96
C ASP B 203 18.36 18.98 -7.07
N GLY B 204 18.34 19.95 -6.17
CA GLY B 204 17.28 20.10 -5.20
C GLY B 204 17.72 19.95 -3.76
N THR B 205 18.85 19.27 -3.50
CA THR B 205 19.25 19.04 -2.12
C THR B 205 19.62 20.34 -1.42
N ARG B 206 20.36 21.23 -2.10
CA ARG B 206 20.72 22.50 -1.44
C ARG B 206 19.47 23.31 -1.10
N GLU B 207 18.48 23.33 -1.99
CA GLU B 207 17.25 24.08 -1.70
C GLU B 207 16.52 23.48 -0.50
N ALA B 208 16.38 22.15 -0.46
CA ALA B 208 15.70 21.51 0.66
C ALA B 208 16.45 21.76 1.97
N ALA B 209 17.77 21.62 1.93
CA ALA B 209 18.57 21.86 3.12
C ALA B 209 18.41 23.29 3.59
N THR B 210 18.44 24.23 2.66
CA THR B 210 18.26 25.64 3.05
C THR B 210 16.87 25.88 3.62
N ASP B 211 15.85 25.23 3.05
CA ASP B 211 14.49 25.42 3.58
C ASP B 211 14.36 24.89 5.00
N ILE B 212 15.05 23.79 5.31
CA ILE B 212 15.08 23.29 6.68
C ILE B 212 15.71 24.33 7.61
N LEU B 213 16.91 24.80 7.28
CA LEU B 213 17.61 25.69 8.21
C LEU B 213 16.87 27.01 8.36
N LYS B 214 16.20 27.48 7.31
CA LYS B 214 15.47 28.75 7.37
C LYS B 214 14.26 28.72 8.29
N THR B 215 13.84 27.54 8.77
CA THR B 215 12.81 27.55 9.80
C THR B 215 13.32 28.10 11.11
N ILE B 216 14.64 28.05 11.32
CA ILE B 216 15.26 28.40 12.60
C ILE B 216 16.11 29.66 12.47
N PHE B 217 16.83 29.81 11.37
CA PHE B 217 17.82 30.87 11.21
C PHE B 217 17.37 31.83 10.12
N THR B 218 17.69 33.11 10.31
CA THR B 218 17.38 34.09 9.31
C THR B 218 18.12 33.75 8.02
N PRO B 219 17.58 34.20 6.87
CA PRO B 219 18.28 33.96 5.60
C PRO B 219 19.70 34.51 5.59
N ALA B 220 19.94 35.65 6.25
CA ALA B 220 21.29 36.19 6.33
C ALA B 220 22.23 35.18 6.98
N PHE B 221 21.84 34.64 8.14
CA PHE B 221 22.67 33.64 8.81
C PHE B 221 22.96 32.47 7.88
N VAL B 222 21.92 31.92 7.24
CA VAL B 222 22.09 30.73 6.42
C VAL B 222 23.05 30.98 5.27
N GLU B 223 22.93 32.15 4.62
CA GLU B 223 23.78 32.39 3.46
C GLU B 223 25.22 32.69 3.86
N ARG B 224 25.46 33.02 5.13
CA ARG B 224 26.83 33.15 5.60
C ARG B 224 27.49 31.80 5.88
N MET B 225 26.71 30.74 5.97
CA MET B 225 27.24 29.43 6.32
C MET B 225 27.95 28.79 5.12
N GLU B 226 29.01 28.04 5.41
CA GLU B 226 29.62 27.18 4.43
C GLU B 226 28.54 26.31 3.79
N PRO B 227 28.61 26.05 2.47
CA PRO B 227 27.59 25.18 1.86
C PRO B 227 27.60 23.77 2.40
N SER B 228 28.77 23.21 2.69
CA SER B 228 28.85 21.90 3.32
C SER B 228 28.24 21.93 4.72
N ALA B 229 28.42 23.05 5.43
CA ALA B 229 27.79 23.20 6.73
C ALA B 229 26.27 23.21 6.63
N VAL B 230 25.75 23.80 5.55
CA VAL B 230 24.29 23.81 5.35
C VAL B 230 23.75 22.39 5.21
N THR B 231 24.32 21.62 4.27
CA THR B 231 23.84 20.26 4.06
C THR B 231 24.04 19.40 5.30
N LYS B 232 25.18 19.56 5.98
CA LYS B 232 25.46 18.76 7.17
C LYS B 232 24.46 19.04 8.29
N ALA B 233 24.22 20.33 8.57
CA ALA B 233 23.26 20.68 9.60
C ALA B 233 21.85 20.24 9.23
N ALA B 234 21.43 20.49 7.99
CA ALA B 234 20.09 20.08 7.56
C ALA B 234 19.93 18.58 7.67
N GLN B 235 20.94 17.82 7.25
CA GLN B 235 20.85 16.37 7.33
C GLN B 235 20.69 15.92 8.77
N ALA B 236 21.49 16.50 9.67
CA ALA B 236 21.39 16.17 11.09
C ALA B 236 19.99 16.41 11.61
N LEU B 237 19.38 17.55 11.24
CA LEU B 237 18.05 17.88 11.75
C LEU B 237 16.97 17.01 11.10
N TYR B 238 17.08 16.74 9.79
CA TYR B 238 16.15 15.80 9.20
C TYR B 238 16.24 14.44 9.90
N ASP B 239 17.47 13.97 10.16
CA ASP B 239 17.63 12.68 10.83
C ASP B 239 16.92 12.65 12.17
N LEU B 240 17.13 13.68 12.99
CA LEU B 240 16.50 13.71 14.30
C LEU B 240 14.98 13.82 14.20
N ASP B 241 14.49 14.54 13.19
CA ASP B 241 13.04 14.62 12.98
C ASP B 241 12.49 13.26 12.52
N ALA B 242 13.24 12.56 11.67
CA ALA B 242 12.74 11.31 11.09
C ALA B 242 12.60 10.22 12.13
N ILE B 243 13.43 10.25 13.18
CA ILE B 243 13.40 9.21 14.20
C ILE B 243 12.53 9.60 15.40
N ALA B 244 12.09 10.86 15.46
CA ALA B 244 11.23 11.30 16.54
C ALA B 244 10.01 10.41 16.75
N PRO B 245 9.35 9.86 15.72
CA PRO B 245 8.22 8.96 15.99
C PRO B 245 8.61 7.74 16.81
N ASP B 246 9.87 7.31 16.75
CA ASP B 246 10.30 6.17 17.56
C ASP B 246 10.20 6.47 19.06
N LEU B 247 10.27 7.75 19.42
CA LEU B 247 10.19 8.21 20.81
C LEU B 247 8.80 8.71 21.20
N SER B 248 7.76 8.27 20.49
CA SER B 248 6.41 8.78 20.77
C SER B 248 5.96 8.50 22.19
N VAL B 249 6.37 7.35 22.77
CA VAL B 249 5.96 7.04 24.14
C VAL B 249 6.61 8.00 25.12
N GLU B 250 7.86 8.38 24.87
CA GLU B 250 8.60 9.28 25.74
C GLU B 250 8.17 10.73 25.63
N GLY B 251 7.58 11.14 24.51
CA GLY B 251 7.10 12.50 24.41
C GLY B 251 6.94 12.93 22.97
N ASN B 252 6.59 14.21 22.81
CA ASN B 252 6.37 14.82 21.50
C ASN B 252 7.03 16.18 21.51
N TRP B 253 8.14 16.31 20.79
CA TRP B 253 8.89 17.55 20.73
C TRP B 253 8.54 18.40 19.52
N HIS B 254 7.62 17.95 18.68
CA HIS B 254 7.15 18.72 17.53
C HIS B 254 8.31 19.22 16.69
N LEU B 255 9.22 18.31 16.39
CA LEU B 255 10.38 18.65 15.56
C LEU B 255 9.95 18.97 14.14
N ASP B 256 8.74 18.58 13.75
CA ASP B 256 8.25 18.88 12.40
C ASP B 256 8.18 20.38 12.16
N ARG B 257 8.10 21.19 13.23
CA ARG B 257 8.10 22.63 13.05
C ARG B 257 9.33 23.08 12.27
N PHE B 258 10.44 22.35 12.39
CA PHE B 258 11.71 22.78 11.85
C PHE B 258 12.11 22.05 10.59
N VAL B 259 11.27 21.15 10.09
CA VAL B 259 11.54 20.43 8.86
C VAL B 259 10.27 20.47 8.02
N PRO B 260 10.18 21.38 7.05
CA PRO B 260 9.01 21.42 6.17
C PRO B 260 8.78 20.04 5.56
N ARG B 261 7.50 19.66 5.44
CA ARG B 261 7.17 18.31 4.96
C ARG B 261 7.79 18.04 3.60
N HIS B 262 7.76 19.01 2.68
CA HIS B 262 8.36 18.77 1.37
C HIS B 262 9.86 18.48 1.49
N ALA B 263 10.54 19.17 2.42
CA ALA B 263 11.97 18.91 2.62
C ALA B 263 12.20 17.53 3.24
N ALA B 264 11.35 17.12 4.19
CA ALA B 264 11.44 15.75 4.70
C ALA B 264 11.23 14.73 3.60
N ALA B 265 10.24 14.96 2.73
CA ALA B 265 10.01 14.06 1.61
C ALA B 265 11.24 13.95 0.73
N TRP B 266 11.89 15.09 0.45
CA TRP B 266 13.10 15.05 -0.37
C TRP B 266 14.20 14.25 0.32
N PHE B 267 14.50 14.58 1.58
CA PHE B 267 15.57 13.87 2.26
C PHE B 267 15.27 12.38 2.42
N ALA B 268 14.00 12.01 2.61
CA ALA B 268 13.67 10.58 2.64
C ALA B 268 13.99 9.93 1.32
N SER B 269 13.68 10.60 0.21
CA SER B 269 13.95 10.00 -1.10
C SER B 269 15.44 9.83 -1.37
N ILE B 270 16.26 10.74 -0.83
CA ILE B 270 17.71 10.59 -0.95
C ILE B 270 18.20 9.44 -0.10
N ASP B 271 17.72 9.33 1.13
CA ASP B 271 18.13 8.21 1.97
C ASP B 271 17.75 6.88 1.35
N ASP B 272 16.55 6.79 0.77
CA ASP B 272 16.13 5.54 0.13
C ASP B 272 17.00 5.22 -1.09
N ALA B 273 17.34 6.23 -1.89
CA ALA B 273 18.22 6.01 -3.03
C ALA B 273 19.58 5.45 -2.59
N LYS B 274 20.20 6.11 -1.60
CA LYS B 274 21.47 5.62 -1.08
C LYS B 274 21.35 4.19 -0.55
N SER B 275 20.27 3.91 0.18
CA SER B 275 20.12 2.60 0.80
C SER B 275 19.82 1.52 -0.22
N PHE B 276 19.11 1.88 -1.29
CA PHE B 276 18.83 0.92 -2.35
C PHE B 276 20.11 0.31 -2.90
N TYR B 277 21.13 1.13 -3.13
CA TYR B 277 22.39 0.66 -3.71
C TYR B 277 23.36 0.12 -2.66
N LYS B 278 23.33 0.65 -1.44
CA LYS B 278 24.24 0.19 -0.41
C LYS B 278 23.79 -1.14 0.18
N LYS B 279 22.48 -1.33 0.32
CA LYS B 279 21.95 -2.43 1.12
C LYS B 279 20.91 -3.26 0.36
N GLY B 280 20.16 -2.63 -0.53
CA GLY B 280 19.08 -3.30 -1.23
C GLY B 280 19.48 -3.97 -2.53
N PRO B 281 18.51 -4.16 -3.43
CA PRO B 281 18.77 -4.95 -4.64
C PRO B 281 19.94 -4.47 -5.49
N GLY B 282 20.22 -3.17 -5.52
CA GLY B 282 21.35 -2.70 -6.31
C GLY B 282 21.17 -2.86 -7.82
N PHE B 283 22.29 -3.14 -8.50
CA PHE B 283 22.36 -3.10 -9.96
C PHE B 283 21.96 -4.44 -10.59
N GLU B 284 21.22 -4.34 -11.70
CA GLU B 284 20.86 -5.52 -12.47
C GLU B 284 22.09 -6.40 -12.67
N GLY B 285 21.93 -7.70 -12.43
CA GLY B 285 22.98 -8.66 -12.71
C GLY B 285 24.03 -8.84 -11.64
N SER B 286 23.92 -8.16 -10.51
CA SER B 286 24.89 -8.32 -9.42
C SER B 286 24.17 -8.74 -8.16
N ASP B 287 24.75 -9.70 -7.44
CA ASP B 287 24.27 -10.10 -6.13
C ASP B 287 25.22 -9.70 -5.01
N ILE B 288 26.13 -8.74 -5.26
CA ILE B 288 27.12 -8.37 -4.26
C ILE B 288 26.46 -7.84 -2.98
N THR B 289 25.31 -7.17 -3.09
CA THR B 289 24.74 -6.60 -1.87
C THR B 289 23.97 -7.64 -1.06
N PHE B 290 23.63 -8.79 -1.61
CA PHE B 290 22.75 -9.71 -0.90
C PHE B 290 23.16 -11.19 -0.89
N ALA B 291 24.18 -11.58 -1.64
CA ALA B 291 24.61 -12.98 -1.58
C ALA B 291 24.95 -13.42 -0.16
N MET B 292 25.47 -12.50 0.65
CA MET B 292 25.84 -12.87 2.01
C MET B 292 24.65 -13.29 2.86
N ALA B 293 23.42 -12.90 2.47
CA ALA B 293 22.23 -13.34 3.20
C ALA B 293 21.87 -14.80 2.94
N SER B 294 22.61 -15.50 2.08
CA SER B 294 22.28 -16.89 1.80
C SER B 294 22.28 -17.74 3.06
N ILE B 295 23.15 -17.44 4.03
CA ILE B 295 23.19 -18.23 5.25
C ILE B 295 21.85 -18.18 5.98
N LEU B 296 21.19 -17.02 5.97
CA LEU B 296 19.94 -16.87 6.69
C LEU B 296 18.80 -17.52 5.93
N LEU B 297 18.78 -17.38 4.60
CA LEU B 297 17.78 -18.09 3.80
C LEU B 297 17.96 -19.59 3.96
N ASP B 298 19.21 -20.06 3.89
N ASP B 298 19.21 -20.06 3.94
CA ASP B 298 19.48 -21.47 4.15
CA ASP B 298 19.48 -21.47 4.15
C ASP B 298 18.88 -21.89 5.49
C ASP B 298 18.97 -21.94 5.51
N ASP B 299 19.08 -21.09 6.54
CA ASP B 299 18.61 -21.47 7.86
C ASP B 299 17.08 -21.57 7.92
N PHE B 300 16.37 -20.70 7.20
CA PHE B 300 14.92 -20.84 7.14
C PHE B 300 14.54 -22.21 6.60
N PHE B 301 15.21 -22.67 5.54
CA PHE B 301 14.93 -23.99 4.99
C PHE B 301 15.33 -25.08 5.96
N LYS B 302 16.54 -24.99 6.53
CA LYS B 302 17.03 -26.06 7.39
C LYS B 302 16.14 -26.24 8.61
N GLN B 303 15.68 -25.13 9.20
CA GLN B 303 14.78 -25.23 10.34
C GLN B 303 13.43 -25.83 9.94
N ALA B 304 12.89 -25.42 8.79
CA ALA B 304 11.63 -26.00 8.32
C ALA B 304 11.77 -27.49 8.05
N GLU B 305 12.87 -27.89 7.40
CA GLU B 305 13.05 -29.32 7.13
C GLU B 305 13.27 -30.10 8.42
N ALA B 306 14.00 -29.52 9.37
CA ALA B 306 14.21 -30.19 10.65
C ALA B 306 12.91 -30.35 11.42
N ALA B 307 11.94 -29.46 11.18
CA ALA B 307 10.65 -29.55 11.86
C ALA B 307 9.95 -30.87 11.59
N ARG B 308 10.28 -31.55 10.50
CA ARG B 308 9.69 -32.85 10.22
C ARG B 308 10.02 -33.86 11.33
N ALA B 309 11.27 -33.85 11.81
CA ALA B 309 11.62 -34.68 12.96
C ALA B 309 10.78 -34.30 14.18
N GLY B 310 10.38 -33.04 14.28
CA GLY B 310 9.48 -32.61 15.33
C GLY B 310 10.12 -32.41 16.69
N LYS B 311 11.36 -31.93 16.75
CA LYS B 311 12.06 -31.76 18.01
C LYS B 311 12.11 -30.31 18.50
N LEU B 312 11.82 -29.33 17.64
CA LEU B 312 11.85 -27.93 18.03
C LEU B 312 10.48 -27.30 17.79
N GLY B 313 10.05 -26.44 18.71
CA GLY B 313 8.75 -25.82 18.59
C GLY B 313 8.74 -24.55 17.76
N ALA B 314 9.72 -23.68 17.99
CA ALA B 314 9.81 -22.43 17.26
C ALA B 314 11.25 -21.96 17.30
N ASP B 315 11.62 -21.13 16.32
CA ASP B 315 12.96 -20.56 16.23
C ASP B 315 12.80 -19.05 16.05
N LEU B 316 13.28 -18.28 17.02
CA LEU B 316 13.04 -16.84 17.07
C LEU B 316 14.40 -16.14 16.96
N ARG B 317 14.61 -15.40 15.87
CA ARG B 317 15.91 -14.78 15.60
C ARG B 317 15.75 -13.26 15.58
N PHE B 318 16.74 -12.56 16.14
CA PHE B 318 16.68 -11.09 16.24
C PHE B 318 17.97 -10.48 15.72
N THR B 319 17.84 -9.40 14.94
CA THR B 319 18.95 -8.94 14.12
C THR B 319 18.75 -7.47 13.74
N HIS B 320 19.53 -6.99 12.77
CA HIS B 320 19.53 -5.60 12.35
C HIS B 320 18.91 -5.45 10.97
N ALA B 321 18.67 -4.19 10.57
CA ALA B 321 18.11 -3.93 9.25
C ALA B 321 19.02 -4.47 8.16
N GLU B 322 20.32 -4.42 8.37
CA GLU B 322 21.25 -4.82 7.32
C GLU B 322 21.29 -6.32 7.11
N GLU B 323 20.57 -7.10 7.91
CA GLU B 323 20.37 -8.51 7.59
C GLU B 323 19.03 -8.76 6.92
N ILE B 324 18.00 -8.02 7.33
CA ILE B 324 16.66 -8.17 6.76
C ILE B 324 16.62 -7.64 5.32
N ILE B 325 17.27 -6.51 5.06
CA ILE B 325 17.24 -5.93 3.72
C ILE B 325 17.81 -6.86 2.66
N PRO B 326 19.03 -7.38 2.80
CA PRO B 326 19.52 -8.30 1.77
C PRO B 326 18.76 -9.61 1.73
N LEU B 327 18.20 -10.08 2.85
CA LEU B 327 17.39 -11.29 2.79
C LEU B 327 16.20 -11.07 1.87
N ALA B 328 15.56 -9.91 1.96
CA ALA B 328 14.42 -9.60 1.10
C ALA B 328 14.83 -9.54 -0.37
N ALA B 329 15.98 -8.94 -0.66
CA ALA B 329 16.44 -8.89 -2.06
C ALA B 329 16.77 -10.29 -2.58
N LEU B 330 17.45 -11.11 -1.77
CA LEU B 330 17.81 -12.46 -2.18
C LEU B 330 16.57 -13.29 -2.46
N MET B 331 15.52 -13.13 -1.65
CA MET B 331 14.26 -13.85 -1.82
C MET B 331 13.32 -13.22 -2.85
N GLN B 332 13.63 -12.01 -3.33
CA GLN B 332 12.75 -11.30 -4.26
C GLN B 332 11.38 -11.05 -3.64
N LEU B 333 11.37 -10.68 -2.36
CA LEU B 333 10.13 -10.35 -1.69
C LEU B 333 9.52 -9.09 -2.29
N PRO B 334 8.22 -8.90 -2.11
CA PRO B 334 7.57 -7.71 -2.68
C PRO B 334 8.29 -6.44 -2.25
N GLY B 335 8.58 -5.57 -3.22
CA GLY B 335 9.34 -4.37 -3.00
C GLY B 335 10.82 -4.50 -3.29
N SER B 336 11.35 -5.72 -3.27
CA SER B 336 12.78 -5.93 -3.46
C SER B 336 13.09 -6.72 -4.73
N GLU B 337 12.12 -6.81 -5.64
CA GLU B 337 12.26 -7.65 -6.82
C GLU B 337 12.85 -6.94 -8.03
N LYS B 338 13.04 -5.62 -7.97
CA LYS B 338 13.50 -4.86 -9.12
C LYS B 338 14.88 -4.26 -8.87
N GLN B 339 15.89 -4.80 -9.56
CA GLN B 339 17.19 -4.16 -9.54
C GLN B 339 17.23 -3.01 -10.54
N ALA B 340 18.18 -2.11 -10.34
CA ALA B 340 18.27 -0.90 -11.15
C ALA B 340 19.13 -1.10 -12.40
N ASP B 341 18.65 -0.53 -13.50
CA ASP B 341 19.46 -0.40 -14.69
C ASP B 341 20.61 0.55 -14.40
N PRO B 342 21.87 0.17 -14.67
CA PRO B 342 22.99 1.09 -14.43
C PRO B 342 22.84 2.43 -15.10
N ASP B 343 22.05 2.53 -16.17
CA ASP B 343 21.86 3.77 -16.91
C ASP B 343 20.57 4.49 -16.55
N GLU B 344 19.81 4.01 -15.57
CA GLU B 344 18.61 4.68 -15.09
C GLU B 344 18.58 4.56 -13.57
N ASP B 345 19.10 5.59 -12.90
CA ASP B 345 19.22 5.53 -11.44
C ASP B 345 17.85 5.38 -10.78
N TYR B 346 17.84 4.63 -9.68
CA TYR B 346 16.69 4.49 -8.81
C TYR B 346 15.99 5.82 -8.56
N THR B 347 14.67 5.80 -8.72
CA THR B 347 13.81 6.86 -8.22
C THR B 347 12.56 6.21 -7.65
N TYR B 348 11.82 6.99 -6.88
CA TYR B 348 10.54 6.52 -6.38
C TYR B 348 9.61 6.14 -7.52
N ALA B 349 9.73 6.81 -8.67
CA ALA B 349 8.81 6.56 -9.78
C ALA B 349 9.16 5.27 -10.52
N ASN B 350 10.43 4.85 -10.50
CA ASN B 350 10.82 3.71 -11.32
C ASN B 350 11.14 2.46 -10.50
N ASN B 351 10.97 2.48 -9.17
CA ASN B 351 11.33 1.32 -8.38
C ASN B 351 10.44 1.26 -7.15
N PRO B 352 9.94 0.09 -6.78
CA PRO B 352 9.05 -0.01 -5.62
C PRO B 352 9.75 -0.08 -4.28
N TRP B 353 11.08 -0.20 -4.25
CA TRP B 353 11.80 -0.39 -2.99
C TRP B 353 11.70 0.86 -2.12
N ARG B 354 11.37 0.67 -0.84
CA ARG B 354 11.28 1.76 0.12
C ARG B 354 11.80 1.26 1.46
N GLY B 355 12.61 2.07 2.13
CA GLY B 355 13.05 1.69 3.46
C GLY B 355 11.89 1.46 4.42
N ALA B 356 10.82 2.25 4.28
CA ALA B 356 9.71 2.14 5.24
C ALA B 356 8.96 0.82 5.10
N SER B 357 8.93 0.24 3.90
N SER B 357 8.94 0.25 3.90
CA SER B 357 8.23 -1.02 3.70
CA SER B 357 8.24 -1.01 3.64
C SER B 357 9.14 -2.23 3.73
C SER B 357 9.15 -2.21 3.78
N VAL B 358 10.41 -2.07 3.38
CA VAL B 358 11.34 -3.19 3.39
C VAL B 358 11.98 -3.35 4.76
N SER B 359 12.35 -2.26 5.43
N SER B 359 12.28 -2.23 5.43
CA SER B 359 13.01 -2.35 6.73
CA SER B 359 13.07 -2.24 6.66
C SER B 359 12.56 -1.24 7.66
C SER B 359 12.57 -1.19 7.65
N PRO B 360 11.29 -1.24 8.03
CA PRO B 360 10.85 -0.42 9.16
C PRO B 360 11.51 -0.93 10.43
N MET B 361 11.32 -0.19 11.51
CA MET B 361 11.60 -0.77 12.81
C MET B 361 10.79 -2.07 12.95
N ALA B 362 11.38 -3.04 13.64
CA ALA B 362 10.81 -4.38 13.83
C ALA B 362 10.48 -5.10 12.52
N ALA B 363 11.15 -4.74 11.42
CA ALA B 363 10.96 -5.47 10.16
C ALA B 363 11.15 -6.96 10.43
N ASN B 364 10.26 -7.79 9.87
CA ASN B 364 10.33 -9.21 10.22
C ASN B 364 9.77 -10.09 9.13
N LEU B 365 10.30 -11.31 9.08
CA LEU B 365 9.83 -12.36 8.18
C LEU B 365 9.52 -13.58 9.04
N GLN B 366 8.40 -14.24 8.76
CA GLN B 366 8.01 -15.39 9.54
C GLN B 366 7.53 -16.48 8.59
N TRP B 367 7.88 -17.73 8.88
CA TRP B 367 7.34 -18.88 8.18
C TRP B 367 6.60 -19.73 9.20
N ASP B 368 5.37 -20.09 8.87
CA ASP B 368 4.59 -21.06 9.64
C ASP B 368 4.57 -22.38 8.87
N ILE B 369 4.91 -23.47 9.56
CA ILE B 369 4.99 -24.80 8.95
C ILE B 369 3.80 -25.62 9.41
N TYR B 370 3.09 -26.22 8.46
CA TYR B 370 1.88 -26.99 8.71
C TYR B 370 2.07 -28.42 8.19
N ARG B 371 1.42 -29.37 8.85
CA ARG B 371 1.58 -30.78 8.56
C ARG B 371 0.23 -31.44 8.38
N ASN B 372 0.14 -32.30 7.37
CA ASN B 372 -0.96 -33.25 7.24
C ASN B 372 -0.33 -34.55 6.78
N GLY B 373 -0.30 -35.55 7.67
CA GLY B 373 0.38 -36.79 7.35
C GLY B 373 1.86 -36.53 7.12
N THR B 374 2.34 -36.83 5.91
CA THR B 374 3.73 -36.60 5.56
C THR B 374 3.92 -35.34 4.73
N THR B 375 2.85 -34.57 4.51
CA THR B 375 2.91 -33.37 3.68
C THR B 375 3.13 -32.15 4.56
N TYR B 376 4.14 -31.34 4.23
CA TYR B 376 4.46 -30.13 4.98
C TYR B 376 4.27 -28.91 4.10
N LEU B 377 3.55 -27.92 4.63
CA LEU B 377 3.30 -26.65 3.95
C LEU B 377 3.93 -25.49 4.72
N VAL B 378 4.27 -24.44 3.97
CA VAL B 378 4.80 -23.19 4.51
C VAL B 378 3.86 -22.06 4.11
N ARG B 379 3.57 -21.17 5.06
CA ARG B 379 2.90 -19.90 4.80
C ARG B 379 3.83 -18.80 5.30
N MET B 380 4.06 -17.79 4.47
CA MET B 380 5.04 -16.75 4.78
C MET B 380 4.38 -15.40 5.09
N LEU B 381 4.86 -14.75 6.16
CA LEU B 381 4.40 -13.42 6.54
C LEU B 381 5.56 -12.44 6.50
N TYR B 382 5.33 -11.27 5.91
CA TYR B 382 6.35 -10.24 5.77
C TYR B 382 5.75 -8.95 6.29
N GLN B 383 6.36 -8.38 7.35
CA GLN B 383 5.71 -7.31 8.09
C GLN B 383 4.29 -7.72 8.48
N GLU B 384 4.10 -9.02 8.72
CA GLU B 384 2.82 -9.62 9.09
C GLU B 384 1.74 -9.53 8.03
N LYS B 385 2.12 -9.23 6.78
CA LYS B 385 1.25 -9.44 5.64
C LYS B 385 1.55 -10.83 5.10
N GLU B 386 0.49 -11.60 4.87
CA GLU B 386 0.62 -12.92 4.26
C GLU B 386 0.87 -12.72 2.77
N ILE B 387 2.04 -13.14 2.30
CA ILE B 387 2.46 -12.82 0.93
C ILE B 387 2.75 -14.10 0.16
N PRO B 388 2.64 -14.07 -1.17
CA PRO B 388 3.13 -15.19 -1.97
C PRO B 388 4.65 -15.21 -1.98
N PHE B 389 5.19 -16.37 -2.35
CA PHE B 389 6.57 -16.49 -2.76
C PHE B 389 6.73 -15.98 -4.20
N LYS B 390 7.97 -15.79 -4.61
CA LYS B 390 8.29 -15.35 -5.97
C LYS B 390 7.56 -16.24 -6.97
N PRO B 391 7.26 -15.73 -8.18
CA PRO B 391 6.22 -16.36 -9.00
C PRO B 391 6.58 -17.71 -9.61
N ASP B 392 7.85 -18.09 -9.66
CA ASP B 392 8.14 -19.44 -10.16
C ASP B 392 7.89 -20.51 -9.10
N CYS B 393 7.48 -20.13 -7.89
CA CYS B 393 7.05 -21.07 -6.87
C CYS B 393 5.55 -21.31 -7.01
N THR B 394 5.16 -22.59 -7.10
CA THR B 394 3.77 -22.96 -7.36
C THR B 394 3.03 -23.13 -6.03
N PRO B 395 1.93 -22.43 -5.80
CA PRO B 395 1.19 -22.59 -4.55
C PRO B 395 0.54 -23.97 -4.47
N PHE B 396 0.14 -24.32 -3.24
CA PHE B 396 -0.43 -25.64 -2.95
C PHE B 396 -1.72 -25.86 -3.75
N THR B 397 -2.57 -24.86 -3.82
CA THR B 397 -3.78 -24.89 -4.61
C THR B 397 -3.93 -23.52 -5.26
N PRO B 398 -4.81 -23.37 -6.24
CA PRO B 398 -4.94 -22.07 -6.92
C PRO B 398 -5.32 -20.97 -5.95
N GLY B 399 -4.57 -19.86 -6.00
CA GLY B 399 -4.83 -18.75 -5.11
C GLY B 399 -4.25 -18.89 -3.71
N SER B 400 -3.68 -20.04 -3.37
CA SER B 400 -3.21 -20.29 -2.01
C SER B 400 -1.95 -19.51 -1.68
N HIS B 401 -1.84 -19.14 -0.41
CA HIS B 401 -0.60 -18.61 0.13
C HIS B 401 0.20 -19.68 0.85
N TYR B 402 -0.26 -20.92 0.81
CA TYR B 402 0.46 -22.07 1.36
C TYR B 402 1.20 -22.75 0.22
N TYR B 403 2.42 -23.21 0.52
CA TYR B 403 3.29 -23.85 -0.45
C TYR B 403 3.87 -25.14 0.13
N ARG B 404 3.97 -26.18 -0.69
CA ARG B 404 4.66 -27.39 -0.25
C ARG B 404 6.12 -27.04 0.01
N LEU B 405 6.63 -27.50 1.15
CA LEU B 405 8.04 -27.24 1.45
C LEU B 405 8.93 -27.79 0.34
N ASP B 406 8.58 -28.95 -0.22
CA ASP B 406 9.36 -29.52 -1.31
C ASP B 406 9.33 -28.64 -2.56
N GLU B 407 8.22 -27.94 -2.78
CA GLU B 407 8.15 -27.03 -3.92
C GLU B 407 9.03 -25.81 -3.69
N LEU B 408 9.02 -25.25 -2.48
CA LEU B 408 9.93 -24.16 -2.16
C LEU B 408 11.38 -24.57 -2.36
N SER B 409 11.74 -25.77 -1.92
N SER B 409 11.73 -25.77 -1.92
CA SER B 409 13.10 -26.24 -2.17
CA SER B 409 13.08 -26.27 -2.16
C SER B 409 13.40 -26.24 -3.66
C SER B 409 13.41 -26.27 -3.65
N ARG B 410 12.46 -26.71 -4.48
CA ARG B 410 12.69 -26.74 -5.92
C ARG B 410 12.82 -25.33 -6.48
N CYS B 411 11.86 -24.46 -6.16
CA CYS B 411 11.83 -23.14 -6.80
C CYS B 411 12.95 -22.22 -6.32
N PHE B 412 13.54 -22.51 -5.17
CA PHE B 412 14.74 -21.79 -4.73
C PHE B 412 16.03 -22.47 -5.17
N GLY B 413 15.93 -23.50 -6.01
CA GLY B 413 17.09 -24.15 -6.60
C GLY B 413 17.85 -25.05 -5.66
N ARG B 414 17.23 -25.45 -4.54
CA ARG B 414 17.90 -26.30 -3.57
C ARG B 414 17.77 -27.77 -3.92
N THR B 415 16.79 -28.12 -4.74
CA THR B 415 16.58 -29.49 -5.19
C THR B 415 16.24 -29.47 -6.68
N ALA B 416 16.47 -30.59 -7.35
CA ALA B 416 16.33 -30.63 -8.81
C ALA B 416 14.87 -30.64 -9.22
N ARG B 417 14.02 -31.32 -8.45
CA ARG B 417 12.63 -31.48 -8.81
C ARG B 417 11.74 -31.23 -7.60
#